data_1AQX
#
_entry.id   1AQX
#
_cell.length_a   89.590
_cell.length_b   72.570
_cell.length_c   69.340
_cell.angle_alpha   90.00
_cell.angle_beta   90.11
_cell.angle_gamma   90.00
#
_symmetry.space_group_name_H-M   'P 1 21 1'
#
loop_
_entity.id
_entity.type
_entity.pdbx_description
1 polymer 'GLUTATHIONE S-TRANSFERASE'
2 non-polymer 1-(S-GLUTATHIONYL)-2,4,6-TRINITROCYCLOHEXA-2,5-DIENE
3 non-polymer '2-(N-MORPHOLINO)-ETHANESULFONIC ACID'
4 water water
#
_entity_poly.entity_id   1
_entity_poly.type   'polypeptide(L)'
_entity_poly.pdbx_seq_one_letter_code
;PPYTVVYFPVRGRCAALRMLLADQGQSWKEEVVTVETWQEGSLKASCLYGQLPKFQDGDLTLYQSNTILRHLGRTLGLYG
KDQQEAALVDMVNDGVEDLRCKYISLIYTNYEAGKDDYVKALPGQLKPFETLLSQNQGGKTFIVGDQISFADYNLLDLLL
IHEVLAPGCLDAFPLLSAYVGRLSARPKLKAFLASPEYVNLPINGNGKQ
;
_entity_poly.pdbx_strand_id   A,B,C,D
#
loop_
_chem_comp.id
_chem_comp.type
_chem_comp.name
_chem_comp.formula
GTD non-polymer 1-(S-GLUTATHIONYL)-2,4,6-TRINITROCYCLOHEXA-2,5-DIENE 'C16 H20 N6 O12 S'
MES non-polymer '2-(N-MORPHOLINO)-ETHANESULFONIC ACID' 'C6 H13 N O4 S'
#
# COMPACT_ATOMS: atom_id res chain seq x y z
N PRO A 2 -20.08 35.61 -0.17
CA PRO A 2 -19.59 34.25 -0.46
C PRO A 2 -19.25 34.08 -1.95
N TYR A 3 -19.65 32.95 -2.51
CA TYR A 3 -19.40 32.66 -3.93
C TYR A 3 -20.63 32.00 -4.56
N THR A 4 -20.53 31.67 -5.84
CA THR A 4 -21.63 31.02 -6.52
C THR A 4 -21.09 30.03 -7.53
N VAL A 5 -21.87 29.00 -7.81
CA VAL A 5 -21.49 27.96 -8.76
C VAL A 5 -22.67 27.74 -9.71
N VAL A 6 -22.39 27.82 -11.01
CA VAL A 6 -23.41 27.63 -12.03
C VAL A 6 -22.90 26.39 -12.75
N TYR A 7 -23.64 25.30 -12.61
CA TYR A 7 -23.25 24.04 -13.22
C TYR A 7 -24.46 23.14 -13.40
N PHE A 8 -24.26 22.00 -14.06
CA PHE A 8 -25.33 21.05 -14.28
C PHE A 8 -25.50 20.23 -12.99
N PRO A 9 -26.70 19.72 -12.73
CA PRO A 9 -26.90 18.94 -11.50
C PRO A 9 -26.05 17.67 -11.38
N VAL A 10 -24.76 17.78 -11.65
CA VAL A 10 -23.85 16.64 -11.55
C VAL A 10 -22.63 17.04 -10.72
N ARG A 11 -21.76 16.08 -10.43
CA ARG A 11 -20.57 16.41 -9.65
C ARG A 11 -19.44 16.81 -10.59
N GLY A 12 -19.44 16.22 -11.78
CA GLY A 12 -18.42 16.48 -12.77
C GLY A 12 -17.19 17.26 -12.35
N ARG A 13 -17.04 18.44 -12.95
CA ARG A 13 -15.89 19.32 -12.72
C ARG A 13 -15.87 20.16 -11.43
N CYS A 14 -16.97 20.25 -10.70
CA CYS A 14 -16.99 21.09 -9.50
C CYS A 14 -16.88 20.30 -8.22
N ALA A 15 -16.93 18.98 -8.35
CA ALA A 15 -16.88 18.11 -7.22
C ALA A 15 -15.65 18.27 -6.32
N ALA A 16 -14.59 18.89 -6.83
CA ALA A 16 -13.37 19.06 -6.01
C ALA A 16 -13.34 20.38 -5.27
N LEU A 17 -13.99 21.39 -5.82
CA LEU A 17 -14.00 22.69 -5.15
C LEU A 17 -15.15 22.73 -4.16
N ARG A 18 -16.12 21.82 -4.32
CA ARG A 18 -17.26 21.76 -3.40
C ARG A 18 -16.76 21.01 -2.16
N MET A 19 -15.68 20.25 -2.33
CA MET A 19 -15.08 19.50 -1.25
C MET A 19 -14.04 20.41 -0.66
N LEU A 20 -13.69 21.44 -1.42
CA LEU A 20 -12.69 22.38 -0.99
C LEU A 20 -13.41 23.50 -0.24
N LEU A 21 -14.60 23.85 -0.72
CA LEU A 21 -15.38 24.90 -0.10
C LEU A 21 -16.16 24.38 1.09
N ALA A 22 -16.28 23.06 1.19
CA ALA A 22 -17.02 22.47 2.31
C ALA A 22 -16.07 22.10 3.43
N ASP A 23 -14.83 21.82 3.05
CA ASP A 23 -13.81 21.43 4.00
C ASP A 23 -13.05 22.67 4.48
N GLN A 24 -13.26 23.79 3.79
CA GLN A 24 -12.57 25.04 4.12
C GLN A 24 -13.45 26.03 4.88
N GLY A 25 -14.62 25.57 5.32
CA GLY A 25 -15.52 26.44 6.05
C GLY A 25 -16.24 27.49 5.22
N GLN A 26 -16.27 27.28 3.89
CA GLN A 26 -16.92 28.23 3.00
C GLN A 26 -18.43 27.98 2.92
N SER A 27 -19.12 28.93 2.29
CA SER A 27 -20.55 28.89 2.06
C SER A 27 -20.73 29.26 0.59
N TRP A 28 -21.86 28.91 -0.01
CA TRP A 28 -22.06 29.23 -1.42
C TRP A 28 -23.43 28.87 -1.94
N LYS A 29 -23.69 29.25 -3.17
CA LYS A 29 -24.97 28.96 -3.78
C LYS A 29 -24.78 28.24 -5.09
N GLU A 30 -25.69 27.33 -5.38
CA GLU A 30 -25.62 26.62 -6.63
C GLU A 30 -26.69 27.27 -7.47
N GLU A 31 -26.44 27.31 -8.77
CA GLU A 31 -27.35 27.92 -9.74
C GLU A 31 -27.70 26.79 -10.70
N VAL A 32 -28.05 25.63 -10.15
CA VAL A 32 -28.34 24.46 -10.98
C VAL A 32 -28.85 24.84 -12.35
N VAL A 33 -28.38 24.12 -13.36
CA VAL A 33 -28.75 24.37 -14.74
C VAL A 33 -29.25 23.05 -15.32
N THR A 34 -30.05 23.13 -16.38
CA THR A 34 -30.55 21.89 -16.95
C THR A 34 -30.44 21.78 -18.47
N VAL A 35 -30.57 20.53 -18.94
CA VAL A 35 -30.48 20.23 -20.36
C VAL A 35 -31.66 20.88 -21.09
N GLU A 36 -32.64 21.36 -20.32
CA GLU A 36 -33.77 22.03 -20.95
C GLU A 36 -33.46 23.53 -20.96
N THR A 37 -32.57 23.95 -20.07
CA THR A 37 -32.17 25.35 -19.97
C THR A 37 -30.93 25.63 -20.78
N TRP A 38 -30.04 24.64 -20.88
CA TRP A 38 -28.80 24.84 -21.59
C TRP A 38 -29.03 24.61 -23.07
N GLN A 39 -30.09 23.88 -23.40
CA GLN A 39 -30.39 23.63 -24.80
C GLN A 39 -31.22 24.79 -25.34
N GLU A 40 -31.55 25.72 -24.44
CA GLU A 40 -32.32 26.91 -24.82
C GLU A 40 -31.34 27.86 -25.51
N GLY A 41 -30.06 27.60 -25.34
CA GLY A 41 -29.03 28.39 -25.97
C GLY A 41 -28.35 29.57 -25.28
N SER A 42 -29.11 30.62 -25.01
CA SER A 42 -28.58 31.84 -24.41
C SER A 42 -27.66 31.72 -23.20
N LEU A 43 -27.61 30.56 -22.57
CA LEU A 43 -26.75 30.42 -21.41
C LEU A 43 -25.36 29.93 -21.80
N LYS A 44 -25.29 29.27 -22.94
CA LYS A 44 -24.04 28.72 -23.40
C LYS A 44 -23.37 29.64 -24.39
N ALA A 45 -24.14 30.54 -24.97
CA ALA A 45 -23.62 31.48 -25.95
C ALA A 45 -22.96 32.65 -25.24
N SER A 46 -23.22 32.75 -23.93
CA SER A 46 -22.68 33.81 -23.10
C SER A 46 -21.56 33.33 -22.20
N CYS A 47 -21.22 32.05 -22.34
CA CYS A 47 -20.14 31.53 -21.52
C CYS A 47 -18.89 31.91 -22.30
N LEU A 48 -17.73 31.83 -21.68
CA LEU A 48 -16.51 32.24 -22.37
C LEU A 48 -16.00 31.22 -23.38
N TYR A 49 -16.39 29.96 -23.20
CA TYR A 49 -15.95 28.87 -24.08
C TYR A 49 -17.13 27.99 -24.48
N GLY A 50 -18.33 28.40 -24.05
CA GLY A 50 -19.52 27.64 -24.38
C GLY A 50 -19.66 26.44 -23.45
N GLN A 51 -19.25 26.60 -22.20
CA GLN A 51 -19.35 25.49 -21.24
C GLN A 51 -19.42 25.92 -19.77
N LEU A 52 -19.66 24.94 -18.90
CA LEU A 52 -19.77 25.17 -17.45
C LEU A 52 -18.73 24.28 -16.77
N PRO A 53 -18.45 24.51 -15.48
CA PRO A 53 -19.03 25.51 -14.56
C PRO A 53 -18.51 26.94 -14.66
N LYS A 54 -19.33 27.87 -14.19
CA LYS A 54 -18.93 29.27 -14.13
C LYS A 54 -18.82 29.40 -12.62
N PHE A 55 -18.21 30.46 -12.11
CA PHE A 55 -18.08 30.59 -10.66
C PHE A 55 -17.84 32.05 -10.38
N GLN A 56 -18.16 32.50 -9.17
CA GLN A 56 -17.94 33.91 -8.83
C GLN A 56 -17.47 34.11 -7.41
N ASP A 57 -16.79 35.24 -7.20
CA ASP A 57 -16.29 35.61 -5.89
C ASP A 57 -16.78 37.01 -5.58
N GLY A 58 -17.68 37.49 -6.44
CA GLY A 58 -18.25 38.82 -6.29
C GLY A 58 -18.42 39.36 -7.67
N ASP A 59 -17.65 40.38 -8.00
CA ASP A 59 -17.73 40.96 -9.33
C ASP A 59 -16.96 40.08 -10.29
N LEU A 60 -16.04 39.26 -9.78
CA LEU A 60 -15.24 38.43 -10.67
C LEU A 60 -15.90 37.11 -11.03
N THR A 61 -16.09 36.95 -12.34
CA THR A 61 -16.70 35.77 -12.91
C THR A 61 -15.57 34.84 -13.29
N LEU A 62 -15.90 33.58 -13.51
CA LEU A 62 -14.88 32.64 -13.88
C LEU A 62 -15.46 31.43 -14.59
N TYR A 63 -14.55 30.75 -15.28
CA TYR A 63 -14.84 29.54 -16.03
C TYR A 63 -13.56 28.74 -15.83
N GLN A 64 -13.57 27.49 -16.30
CA GLN A 64 -12.44 26.57 -16.19
C GLN A 64 -12.30 26.08 -14.75
N SER A 65 -12.52 24.79 -14.56
CA SER A 65 -12.49 24.20 -13.22
C SER A 65 -11.16 24.22 -12.51
N ASN A 66 -10.06 24.26 -13.26
CA ASN A 66 -8.75 24.28 -12.64
C ASN A 66 -8.37 25.69 -12.25
N THR A 67 -8.99 26.66 -12.93
CA THR A 67 -8.73 28.07 -12.69
C THR A 67 -9.44 28.46 -11.41
N ILE A 68 -10.55 27.78 -11.14
CA ILE A 68 -11.29 28.09 -9.95
C ILE A 68 -10.65 27.40 -8.77
N LEU A 69 -9.89 26.34 -9.03
CA LEU A 69 -9.22 25.63 -7.95
C LEU A 69 -7.90 26.30 -7.58
N ARG A 70 -7.28 27.00 -8.52
CA ARG A 70 -6.01 27.65 -8.21
C ARG A 70 -6.31 29.04 -7.66
N HIS A 71 -7.48 29.55 -8.01
CA HIS A 71 -7.88 30.88 -7.56
C HIS A 71 -8.47 30.81 -6.15
N LEU A 72 -8.98 29.64 -5.77
CA LEU A 72 -9.54 29.46 -4.44
C LEU A 72 -8.37 28.86 -3.66
N GLY A 73 -7.37 28.40 -4.42
CA GLY A 73 -6.20 27.79 -3.84
C GLY A 73 -5.27 28.85 -3.29
N ARG A 74 -5.00 29.86 -4.11
CA ARG A 74 -4.13 30.94 -3.67
C ARG A 74 -4.88 31.97 -2.82
N THR A 75 -6.19 31.85 -2.75
CA THR A 75 -6.97 32.80 -1.96
C THR A 75 -7.42 32.19 -0.63
N LEU A 76 -7.30 30.88 -0.51
CA LEU A 76 -7.71 30.23 0.72
C LEU A 76 -6.53 29.70 1.50
N GLY A 77 -5.34 29.77 0.90
CA GLY A 77 -4.12 29.29 1.53
C GLY A 77 -3.93 27.80 1.35
N LEU A 78 -4.15 27.33 0.13
CA LEU A 78 -4.02 25.92 -0.23
C LEU A 78 -3.06 25.77 -1.41
N TYR A 79 -2.33 26.83 -1.73
CA TYR A 79 -1.42 26.81 -2.87
C TYR A 79 0.07 26.70 -2.58
N GLY A 80 0.43 26.13 -1.43
CA GLY A 80 1.84 25.96 -1.13
C GLY A 80 2.40 26.89 -0.07
N LYS A 81 3.52 26.49 0.52
CA LYS A 81 4.16 27.30 1.56
C LYS A 81 5.25 28.13 0.93
N ASP A 82 5.59 27.78 -0.32
CA ASP A 82 6.64 28.47 -1.07
C ASP A 82 6.43 28.35 -2.56
N GLN A 83 7.34 28.95 -3.34
CA GLN A 83 7.22 28.93 -4.79
C GLN A 83 7.51 27.56 -5.42
N GLN A 84 8.34 26.76 -4.76
CA GLN A 84 8.70 25.46 -5.32
C GLN A 84 7.75 24.38 -4.90
N GLU A 85 7.02 24.65 -3.83
CA GLU A 85 6.04 23.70 -3.34
C GLU A 85 4.77 24.09 -4.05
N ALA A 86 4.76 25.31 -4.55
CA ALA A 86 3.59 25.80 -5.25
C ALA A 86 3.64 25.28 -6.68
N ALA A 87 4.83 24.88 -7.13
CA ALA A 87 4.97 24.35 -8.47
C ALA A 87 4.91 22.83 -8.37
N LEU A 88 5.20 22.31 -7.18
CA LEU A 88 5.13 20.88 -6.94
C LEU A 88 3.67 20.52 -6.70
N VAL A 89 2.81 21.53 -6.62
CA VAL A 89 1.39 21.31 -6.41
C VAL A 89 0.71 21.36 -7.78
N ASP A 90 1.24 22.19 -8.68
CA ASP A 90 0.68 22.35 -10.02
C ASP A 90 1.05 21.12 -10.82
N MET A 91 2.07 20.41 -10.33
CA MET A 91 2.55 19.22 -11.01
C MET A 91 1.69 18.01 -10.68
N VAL A 92 1.03 18.08 -9.54
CA VAL A 92 0.18 16.99 -9.10
C VAL A 92 -1.24 17.28 -9.56
N ASN A 93 -1.54 18.54 -9.80
CA ASN A 93 -2.89 18.89 -10.23
C ASN A 93 -3.03 18.72 -11.73
N ASP A 94 -1.93 18.92 -12.47
CA ASP A 94 -2.01 18.81 -13.92
C ASP A 94 -2.04 17.34 -14.32
N GLY A 95 -1.48 16.50 -13.46
CA GLY A 95 -1.46 15.08 -13.74
C GLY A 95 -2.78 14.47 -13.33
N VAL A 96 -3.38 15.04 -12.30
CA VAL A 96 -4.67 14.58 -11.82
C VAL A 96 -5.71 15.05 -12.84
N GLU A 97 -5.30 15.97 -13.71
CA GLU A 97 -6.20 16.50 -14.74
C GLU A 97 -6.06 15.75 -16.05
N ASP A 98 -4.95 15.03 -16.24
CA ASP A 98 -4.74 14.29 -17.48
C ASP A 98 -5.32 12.90 -17.30
N LEU A 99 -5.44 12.50 -16.05
CA LEU A 99 -6.01 11.21 -15.76
C LEU A 99 -7.52 11.45 -15.80
N ARG A 100 -7.92 12.63 -15.33
CA ARG A 100 -9.32 13.03 -15.28
C ARG A 100 -9.79 13.50 -16.65
N CYS A 101 -8.82 13.68 -17.56
CA CYS A 101 -9.07 14.12 -18.92
C CYS A 101 -9.28 12.90 -19.81
N LYS A 102 -8.85 11.74 -19.33
CA LYS A 102 -9.01 10.52 -20.10
C LYS A 102 -10.07 9.67 -19.45
N TYR A 103 -10.42 10.00 -18.21
CA TYR A 103 -11.47 9.26 -17.54
C TYR A 103 -12.76 9.88 -18.04
N ILE A 104 -12.66 11.10 -18.57
CA ILE A 104 -13.86 11.79 -19.04
C ILE A 104 -14.15 11.49 -20.50
N SER A 105 -13.16 11.00 -21.24
CA SER A 105 -13.41 10.74 -22.65
C SER A 105 -14.02 9.37 -22.87
N LEU A 106 -13.73 8.41 -21.98
CA LEU A 106 -14.29 7.09 -22.19
C LEU A 106 -15.70 7.06 -21.62
N ILE A 107 -15.95 7.90 -20.62
CA ILE A 107 -17.27 7.92 -19.98
C ILE A 107 -18.28 8.55 -20.91
N TYR A 108 -17.78 9.34 -21.86
CA TYR A 108 -18.66 10.05 -22.77
C TYR A 108 -18.43 9.81 -24.26
N THR A 109 -17.40 9.03 -24.60
CA THR A 109 -17.11 8.75 -26.00
C THR A 109 -16.83 7.28 -26.36
N ASN A 110 -16.91 6.36 -25.40
CA ASN A 110 -16.61 4.95 -25.71
C ASN A 110 -16.73 3.98 -24.52
N TYR A 111 -17.54 4.32 -23.53
CA TYR A 111 -17.69 3.46 -22.36
C TYR A 111 -17.95 1.98 -22.64
N GLU A 112 -18.23 1.63 -23.90
CA GLU A 112 -18.49 0.23 -24.22
C GLU A 112 -17.38 -0.47 -24.99
N ALA A 113 -16.30 0.25 -25.29
CA ALA A 113 -15.20 -0.34 -26.01
C ALA A 113 -13.90 0.04 -25.33
N GLY A 114 -14.01 0.81 -24.26
CA GLY A 114 -12.82 1.23 -23.54
C GLY A 114 -12.79 0.84 -22.07
N LYS A 115 -13.92 0.39 -21.53
CA LYS A 115 -13.94 0.01 -20.13
C LYS A 115 -13.26 -1.32 -19.86
N ASP A 116 -12.64 -1.92 -20.89
CA ASP A 116 -11.94 -3.17 -20.67
C ASP A 116 -10.45 -2.99 -20.91
N ASP A 117 -10.07 -1.79 -21.33
CA ASP A 117 -8.67 -1.49 -21.58
C ASP A 117 -8.22 -0.30 -20.73
N TYR A 118 -9.17 0.55 -20.34
CA TYR A 118 -8.83 1.72 -19.53
C TYR A 118 -8.59 1.28 -18.09
N VAL A 119 -8.99 0.06 -17.78
CA VAL A 119 -8.85 -0.43 -16.42
C VAL A 119 -7.60 -1.26 -16.19
N LYS A 120 -6.94 -1.67 -17.26
CA LYS A 120 -5.72 -2.44 -17.09
C LYS A 120 -4.57 -1.48 -17.33
N ALA A 121 -4.91 -0.26 -17.72
CA ALA A 121 -3.93 0.78 -17.98
C ALA A 121 -3.92 1.74 -16.80
N LEU A 122 -4.76 1.45 -15.82
CA LEU A 122 -4.91 2.27 -14.62
C LEU A 122 -3.76 2.09 -13.64
N PRO A 123 -3.43 0.83 -13.28
CA PRO A 123 -2.33 0.61 -12.34
C PRO A 123 -1.16 1.56 -12.58
N GLY A 124 -0.77 1.64 -13.84
CA GLY A 124 0.33 2.50 -14.23
C GLY A 124 0.02 3.97 -14.16
N GLN A 125 -1.26 4.34 -14.14
CA GLN A 125 -1.63 5.74 -14.10
C GLN A 125 -1.64 6.32 -12.68
N LEU A 126 -1.79 5.47 -11.66
CA LEU A 126 -1.83 5.98 -10.29
C LEU A 126 -0.52 5.82 -9.52
N LYS A 127 0.40 5.01 -10.04
CA LYS A 127 1.69 4.78 -9.40
C LYS A 127 2.39 6.11 -9.11
N PRO A 128 2.38 7.05 -10.09
CA PRO A 128 3.02 8.34 -9.87
C PRO A 128 2.51 8.95 -8.58
N PHE A 129 1.19 8.99 -8.45
CA PHE A 129 0.54 9.56 -7.28
C PHE A 129 0.84 8.82 -5.99
N GLU A 130 1.19 7.54 -6.08
CA GLU A 130 1.52 6.78 -4.88
C GLU A 130 3.02 6.97 -4.61
N THR A 131 3.77 7.32 -5.66
CA THR A 131 5.20 7.51 -5.52
C THR A 131 5.48 8.88 -4.90
N LEU A 132 4.58 9.83 -5.15
CA LEU A 132 4.76 11.17 -4.62
C LEU A 132 4.40 11.27 -3.15
N LEU A 133 3.63 10.30 -2.66
CA LEU A 133 3.25 10.33 -1.26
C LEU A 133 4.34 9.65 -0.47
N SER A 134 4.88 8.57 -1.01
CA SER A 134 5.95 7.86 -0.33
C SER A 134 7.20 8.71 -0.41
N GLN A 135 7.19 9.65 -1.34
CA GLN A 135 8.33 10.56 -1.54
C GLN A 135 8.17 11.86 -0.78
N ASN A 136 7.17 11.92 0.11
CA ASN A 136 6.95 13.11 0.93
C ASN A 136 6.27 12.69 2.23
N GLN A 137 6.76 13.23 3.35
CA GLN A 137 6.24 12.92 4.69
C GLN A 137 6.01 11.44 4.99
N GLY A 138 6.39 10.57 4.06
CA GLY A 138 6.18 9.15 4.25
C GLY A 138 4.82 8.80 3.69
N GLY A 139 4.12 9.82 3.21
CA GLY A 139 2.80 9.64 2.63
C GLY A 139 1.68 9.67 3.65
N LYS A 140 2.06 10.01 4.88
CA LYS A 140 1.10 10.07 5.99
C LYS A 140 0.44 11.43 6.05
N THR A 141 0.86 12.31 5.15
CA THR A 141 0.32 13.66 5.09
C THR A 141 -0.46 13.86 3.80
N PHE A 142 -0.31 15.05 3.24
CA PHE A 142 -0.99 15.40 2.00
C PHE A 142 -0.12 15.04 0.79
N ILE A 143 -0.65 15.22 -0.42
CA ILE A 143 0.12 14.86 -1.60
C ILE A 143 1.34 15.74 -1.77
N VAL A 144 1.27 16.96 -1.24
CA VAL A 144 2.42 17.86 -1.31
C VAL A 144 2.55 18.57 0.03
N GLY A 145 3.77 18.97 0.37
CA GLY A 145 4.00 19.65 1.64
C GLY A 145 3.34 18.95 2.82
N ASP A 146 3.27 19.65 3.94
CA ASP A 146 2.65 19.12 5.14
C ASP A 146 1.27 19.75 5.31
N GLN A 147 0.88 20.56 4.33
CA GLN A 147 -0.43 21.20 4.40
C GLN A 147 -1.31 20.80 3.22
N ILE A 148 -2.62 21.00 3.37
CA ILE A 148 -3.56 20.64 2.32
C ILE A 148 -3.51 21.61 1.14
N SER A 149 -4.07 21.19 0.01
CA SER A 149 -4.06 22.04 -1.18
C SER A 149 -5.21 21.68 -2.09
N PHE A 150 -5.42 22.49 -3.13
CA PHE A 150 -6.49 22.22 -4.05
C PHE A 150 -6.08 21.03 -4.91
N ALA A 151 -4.78 20.71 -4.89
CA ALA A 151 -4.31 19.58 -5.64
C ALA A 151 -4.79 18.36 -4.89
N ASP A 152 -4.95 18.54 -3.59
CA ASP A 152 -5.39 17.45 -2.73
C ASP A 152 -6.91 17.25 -2.82
N TYR A 153 -7.64 18.30 -3.16
CA TYR A 153 -9.08 18.12 -3.23
C TYR A 153 -9.46 17.58 -4.60
N ASN A 154 -8.52 17.61 -5.53
CA ASN A 154 -8.79 17.13 -6.86
C ASN A 154 -8.26 15.71 -7.08
N LEU A 155 -7.23 15.30 -6.34
CA LEU A 155 -6.70 13.95 -6.51
C LEU A 155 -7.56 13.00 -5.70
N LEU A 156 -8.22 13.51 -4.65
CA LEU A 156 -9.07 12.64 -3.86
C LEU A 156 -10.35 12.38 -4.64
N ASP A 157 -10.82 13.39 -5.37
CA ASP A 157 -12.05 13.18 -6.12
C ASP A 157 -11.74 12.31 -7.32
N LEU A 158 -10.48 12.30 -7.73
CA LEU A 158 -10.07 11.50 -8.86
C LEU A 158 -9.92 10.06 -8.37
N LEU A 159 -9.74 9.90 -7.07
CA LEU A 159 -9.58 8.56 -6.54
C LEU A 159 -10.88 7.99 -6.02
N LEU A 160 -11.88 8.83 -5.87
CA LEU A 160 -13.16 8.33 -5.37
C LEU A 160 -13.97 7.83 -6.55
N ILE A 161 -13.65 8.33 -7.75
CA ILE A 161 -14.39 7.97 -8.95
C ILE A 161 -13.82 6.76 -9.72
N HIS A 162 -12.55 6.45 -9.52
CA HIS A 162 -12.05 5.30 -10.24
C HIS A 162 -12.36 4.15 -9.33
N GLU A 163 -12.67 4.49 -8.10
CA GLU A 163 -13.02 3.50 -7.10
C GLU A 163 -14.43 3.09 -7.45
N VAL A 164 -15.00 3.77 -8.43
CA VAL A 164 -16.37 3.48 -8.86
C VAL A 164 -16.41 2.86 -10.25
N LEU A 165 -15.33 2.98 -11.01
CA LEU A 165 -15.31 2.41 -12.35
C LEU A 165 -14.54 1.11 -12.30
N ALA A 166 -13.62 1.03 -11.33
CA ALA A 166 -12.79 -0.14 -11.18
C ALA A 166 -12.55 -0.32 -9.69
N PRO A 167 -13.62 -0.58 -8.92
CA PRO A 167 -13.48 -0.77 -7.48
C PRO A 167 -12.35 -1.75 -7.23
N GLY A 168 -11.48 -1.40 -6.29
CA GLY A 168 -10.35 -2.27 -6.01
C GLY A 168 -9.18 -1.94 -6.91
N CYS A 169 -9.08 -0.67 -7.29
CA CYS A 169 -7.97 -0.24 -8.14
C CYS A 169 -6.85 0.31 -7.24
N LEU A 170 -7.19 0.53 -5.97
CA LEU A 170 -6.25 1.07 -5.01
C LEU A 170 -5.74 0.01 -4.06
N ASP A 171 -6.16 -1.23 -4.26
CA ASP A 171 -5.76 -2.31 -3.36
C ASP A 171 -4.27 -2.67 -3.43
N ALA A 172 -3.56 -2.13 -4.39
CA ALA A 172 -2.13 -2.40 -4.53
C ALA A 172 -1.35 -1.11 -4.27
N PHE A 173 -2.10 -0.05 -4.00
CA PHE A 173 -1.50 1.26 -3.73
C PHE A 173 -1.82 1.65 -2.30
N PRO A 174 -1.12 1.02 -1.33
CA PRO A 174 -1.30 1.28 0.10
C PRO A 174 -1.49 2.75 0.50
N LEU A 175 -0.46 3.56 0.31
CA LEU A 175 -0.53 4.96 0.71
C LEU A 175 -1.68 5.71 0.04
N LEU A 176 -2.12 5.21 -1.11
CA LEU A 176 -3.22 5.85 -1.82
C LEU A 176 -4.55 5.33 -1.28
N SER A 177 -4.49 4.24 -0.52
CA SER A 177 -5.69 3.66 0.04
C SER A 177 -5.91 4.16 1.45
N ALA A 178 -4.83 4.61 2.08
CA ALA A 178 -4.91 5.14 3.42
C ALA A 178 -5.11 6.66 3.34
N TYR A 179 -4.89 7.20 2.14
CA TYR A 179 -5.03 8.64 1.90
C TYR A 179 -6.41 9.07 1.41
N VAL A 180 -7.16 8.13 0.83
CA VAL A 180 -8.49 8.42 0.32
C VAL A 180 -9.51 8.20 1.42
N GLY A 181 -9.03 7.73 2.57
CA GLY A 181 -9.92 7.50 3.70
C GLY A 181 -9.58 8.48 4.79
N ARG A 182 -8.35 8.96 4.79
CA ARG A 182 -7.88 9.92 5.78
C ARG A 182 -8.36 11.33 5.40
N LEU A 183 -8.68 11.51 4.12
CA LEU A 183 -9.16 12.79 3.59
C LEU A 183 -10.69 12.80 3.55
N SER A 184 -11.28 11.61 3.66
CA SER A 184 -12.74 11.47 3.65
C SER A 184 -13.19 11.43 5.08
N ALA A 185 -12.22 11.31 5.98
CA ALA A 185 -12.49 11.25 7.41
C ALA A 185 -12.46 12.68 7.96
N ARG A 186 -11.85 13.58 7.18
CA ARG A 186 -11.76 14.97 7.58
C ARG A 186 -13.17 15.49 7.88
N PRO A 187 -13.41 15.88 9.14
CA PRO A 187 -14.65 16.41 9.71
C PRO A 187 -15.70 17.08 8.81
N LYS A 188 -15.38 18.23 8.22
CA LYS A 188 -16.36 18.89 7.39
C LYS A 188 -16.41 18.32 5.97
N LEU A 189 -15.54 17.37 5.67
CA LEU A 189 -15.53 16.74 4.35
C LEU A 189 -16.26 15.41 4.45
N LYS A 190 -16.34 14.86 5.65
CA LYS A 190 -17.03 13.59 5.83
C LYS A 190 -18.50 13.91 6.07
N ALA A 191 -18.77 15.19 6.32
CA ALA A 191 -20.14 15.61 6.59
C ALA A 191 -20.84 16.09 5.32
N PHE A 192 -20.06 16.54 4.35
CA PHE A 192 -20.65 17.02 3.10
C PHE A 192 -20.71 15.87 2.09
N LEU A 193 -19.82 14.90 2.25
CA LEU A 193 -19.76 13.79 1.31
C LEU A 193 -20.84 12.76 1.55
N ALA A 194 -21.51 12.88 2.69
CA ALA A 194 -22.61 11.99 3.05
C ALA A 194 -23.92 12.77 2.97
N SER A 195 -23.80 14.05 2.62
CA SER A 195 -24.94 14.95 2.48
C SER A 195 -25.70 14.63 1.20
N PRO A 196 -26.99 15.02 1.12
CA PRO A 196 -27.90 14.82 -0.02
C PRO A 196 -27.50 15.47 -1.34
N GLU A 197 -27.03 16.71 -1.27
CA GLU A 197 -26.62 17.43 -2.47
C GLU A 197 -25.40 16.81 -3.12
N TYR A 198 -24.77 15.84 -2.45
CA TYR A 198 -23.62 15.20 -3.04
C TYR A 198 -23.98 13.79 -3.47
N VAL A 199 -24.62 13.05 -2.57
CA VAL A 199 -24.97 11.66 -2.85
C VAL A 199 -26.09 11.47 -3.87
N ASN A 200 -26.97 12.47 -3.97
CA ASN A 200 -28.10 12.37 -4.88
C ASN A 200 -27.79 12.97 -6.23
N LEU A 201 -26.53 13.42 -6.37
CA LEU A 201 -26.03 14.03 -7.60
C LEU A 201 -25.31 12.96 -8.40
N PRO A 202 -25.42 13.01 -9.73
CA PRO A 202 -24.73 11.99 -10.53
C PRO A 202 -23.25 12.37 -10.65
N ILE A 203 -22.36 11.38 -10.57
CA ILE A 203 -20.94 11.69 -10.66
C ILE A 203 -20.79 12.29 -12.04
N ASN A 204 -21.42 11.65 -13.01
CA ASN A 204 -21.37 12.09 -14.39
C ASN A 204 -22.75 12.48 -14.90
N GLY A 205 -22.82 12.89 -16.16
CA GLY A 205 -24.09 13.30 -16.74
C GLY A 205 -24.53 12.53 -17.97
N ASN A 206 -24.37 11.20 -17.95
CA ASN A 206 -24.79 10.37 -19.08
C ASN A 206 -25.27 8.98 -18.64
N GLY A 207 -25.14 8.68 -17.35
CA GLY A 207 -25.57 7.39 -16.85
C GLY A 207 -24.45 6.43 -16.48
N LYS A 208 -23.36 6.43 -17.24
CA LYS A 208 -22.27 5.53 -16.91
C LYS A 208 -21.46 6.08 -15.75
N GLN A 209 -20.46 5.32 -15.33
CA GLN A 209 -19.57 5.68 -14.24
C GLN A 209 -18.80 4.44 -13.84
N PRO B 2 19.89 28.99 -14.98
CA PRO B 2 20.00 27.78 -14.12
C PRO B 2 19.06 26.69 -14.62
N TYR B 3 18.55 26.88 -15.83
CA TYR B 3 17.58 25.96 -16.40
C TYR B 3 18.11 24.89 -17.33
N THR B 4 17.29 23.85 -17.48
CA THR B 4 17.60 22.76 -18.39
C THR B 4 16.22 22.33 -18.85
N VAL B 5 16.14 21.79 -20.06
CA VAL B 5 14.87 21.36 -20.61
C VAL B 5 15.11 20.04 -21.31
N VAL B 6 14.25 19.06 -21.01
CA VAL B 6 14.39 17.75 -21.62
C VAL B 6 13.19 17.60 -22.54
N TYR B 7 13.38 16.85 -23.62
CA TYR B 7 12.34 16.66 -24.60
C TYR B 7 12.91 15.93 -25.79
N PHE B 8 12.04 15.68 -26.75
CA PHE B 8 12.42 15.02 -27.99
C PHE B 8 12.87 16.13 -28.93
N PRO B 9 13.52 15.77 -30.04
CA PRO B 9 13.96 16.82 -30.96
C PRO B 9 12.73 17.32 -31.71
N VAL B 10 11.82 17.96 -30.98
CA VAL B 10 10.57 18.45 -31.57
C VAL B 10 10.22 19.83 -31.03
N ARG B 11 9.16 20.45 -31.57
CA ARG B 11 8.75 21.77 -31.08
C ARG B 11 7.70 21.59 -30.01
N GLY B 12 6.88 20.56 -30.20
CA GLY B 12 5.78 20.21 -29.30
C GLY B 12 5.36 21.07 -28.13
N ARG B 13 5.22 20.42 -26.97
CA ARG B 13 4.78 21.08 -25.74
C ARG B 13 5.84 21.93 -25.09
N CYS B 14 6.95 22.09 -25.78
CA CYS B 14 8.09 22.87 -25.28
C CYS B 14 8.36 24.13 -26.06
N ALA B 15 7.68 24.28 -27.19
CA ALA B 15 7.93 25.46 -27.98
C ALA B 15 7.45 26.74 -27.33
N ALA B 16 6.57 26.64 -26.32
CA ALA B 16 6.08 27.85 -25.68
C ALA B 16 6.89 28.29 -24.48
N LEU B 17 7.50 27.35 -23.78
CA LEU B 17 8.28 27.75 -22.61
C LEU B 17 9.66 28.21 -23.06
N ARG B 18 10.00 27.96 -24.32
CA ARG B 18 11.30 28.38 -24.83
C ARG B 18 11.21 29.79 -25.37
N MET B 19 10.00 30.21 -25.69
CA MET B 19 9.76 31.53 -26.24
C MET B 19 9.74 32.59 -25.18
N LEU B 20 9.39 32.17 -23.97
CA LEU B 20 9.31 33.09 -22.85
C LEU B 20 10.68 33.22 -22.21
N LEU B 21 11.47 32.15 -22.26
CA LEU B 21 12.80 32.18 -21.67
C LEU B 21 13.73 32.95 -22.58
N ALA B 22 13.49 32.83 -23.88
CA ALA B 22 14.31 33.51 -24.86
C ALA B 22 13.90 34.96 -25.02
N ASP B 23 12.66 35.27 -24.65
CA ASP B 23 12.20 36.64 -24.78
C ASP B 23 12.28 37.38 -23.47
N GLN B 24 12.44 36.64 -22.37
CA GLN B 24 12.51 37.26 -21.05
C GLN B 24 13.89 37.81 -20.76
N GLY B 25 14.84 37.50 -21.63
CA GLY B 25 16.20 37.94 -21.44
C GLY B 25 16.95 36.93 -20.61
N GLN B 26 16.44 35.69 -20.62
CA GLN B 26 17.02 34.58 -19.88
C GLN B 26 17.89 33.71 -20.77
N SER B 27 18.37 32.62 -20.19
CA SER B 27 19.20 31.65 -20.91
C SER B 27 19.07 30.28 -20.24
N TRP B 28 19.30 29.23 -21.01
CA TRP B 28 19.16 27.90 -20.47
C TRP B 28 19.92 26.87 -21.31
N LYS B 29 20.12 25.69 -20.72
CA LYS B 29 20.82 24.64 -21.44
C LYS B 29 19.70 23.71 -21.90
N GLU B 30 19.99 22.89 -22.89
CA GLU B 30 18.98 21.97 -23.37
C GLU B 30 19.57 20.59 -23.25
N GLU B 31 18.71 19.58 -23.12
CA GLU B 31 19.12 18.20 -23.05
C GLU B 31 18.17 17.56 -24.03
N VAL B 32 18.56 16.45 -24.65
CA VAL B 32 17.62 15.88 -25.61
C VAL B 32 17.50 14.38 -25.52
N VAL B 33 16.32 13.88 -25.89
CA VAL B 33 16.08 12.45 -25.92
C VAL B 33 15.86 12.10 -27.37
N THR B 34 16.53 11.04 -27.81
CA THR B 34 16.44 10.63 -29.19
C THR B 34 15.16 9.84 -29.40
N VAL B 35 14.89 9.49 -30.64
CA VAL B 35 13.68 8.74 -30.96
C VAL B 35 13.84 7.32 -30.44
N GLU B 36 15.09 6.91 -30.19
CA GLU B 36 15.35 5.57 -29.71
C GLU B 36 15.70 5.46 -28.23
N THR B 37 16.10 6.57 -27.60
CA THR B 37 16.44 6.51 -26.18
C THR B 37 15.17 6.44 -25.36
N TRP B 38 14.05 6.75 -26.01
CA TRP B 38 12.77 6.69 -25.32
C TRP B 38 12.11 5.39 -25.74
N GLN B 39 12.72 4.73 -26.74
CA GLN B 39 12.20 3.45 -27.20
C GLN B 39 12.82 2.40 -26.28
N GLU B 40 13.67 2.89 -25.39
CA GLU B 40 14.32 2.08 -24.37
C GLU B 40 13.49 2.45 -23.14
N GLY B 41 13.82 1.90 -21.97
CA GLY B 41 13.07 2.24 -20.77
C GLY B 41 13.86 3.25 -19.96
N SER B 42 15.11 3.41 -20.36
CA SER B 42 16.09 4.30 -19.73
C SER B 42 15.63 5.70 -19.42
N LEU B 43 14.38 6.03 -19.74
CA LEU B 43 13.92 7.38 -19.48
C LEU B 43 12.42 7.52 -19.35
N LYS B 44 11.68 6.49 -19.75
CA LYS B 44 10.23 6.59 -19.67
C LYS B 44 9.71 6.16 -18.31
N ALA B 45 10.58 5.55 -17.50
CA ALA B 45 10.18 5.11 -16.16
C ALA B 45 10.83 6.01 -15.13
N SER B 46 11.75 6.84 -15.60
CA SER B 46 12.46 7.77 -14.73
C SER B 46 11.63 9.04 -14.64
N CYS B 47 10.65 9.16 -15.54
CA CYS B 47 9.75 10.33 -15.55
C CYS B 47 8.49 10.07 -14.70
N LEU B 48 8.01 11.11 -14.05
CA LEU B 48 6.86 10.98 -13.16
C LEU B 48 5.56 10.54 -13.80
N TYR B 49 5.47 10.64 -15.12
CA TYR B 49 4.24 10.26 -15.79
C TYR B 49 4.57 9.51 -17.07
N GLY B 50 5.86 9.19 -17.20
CA GLY B 50 6.34 8.48 -18.35
C GLY B 50 6.47 9.41 -19.54
N GLN B 51 6.52 10.72 -19.26
CA GLN B 51 6.59 11.70 -20.32
C GLN B 51 7.49 12.92 -20.13
N LEU B 52 7.62 13.68 -21.22
CA LEU B 52 8.41 14.92 -21.30
C LEU B 52 7.48 15.99 -21.89
N PRO B 53 7.82 17.29 -21.78
CA PRO B 53 8.98 17.98 -21.17
C PRO B 53 9.35 17.69 -19.72
N LYS B 54 10.62 17.94 -19.40
CA LYS B 54 11.10 17.79 -18.04
C LYS B 54 11.91 19.06 -17.81
N PHE B 55 12.00 19.50 -16.55
CA PHE B 55 12.70 20.75 -16.27
C PHE B 55 13.55 20.69 -15.02
N GLN B 56 14.49 21.62 -14.91
CA GLN B 56 15.38 21.70 -13.76
C GLN B 56 15.55 23.19 -13.47
N ASP B 57 15.68 23.52 -12.19
CA ASP B 57 15.80 24.90 -11.75
C ASP B 57 16.90 24.90 -10.71
N GLY B 58 17.75 23.88 -10.80
CA GLY B 58 18.85 23.73 -9.88
C GLY B 58 18.68 22.48 -9.06
N ASP B 59 17.96 22.63 -7.96
CA ASP B 59 17.69 21.54 -7.02
C ASP B 59 16.28 21.04 -7.29
N LEU B 60 15.58 21.75 -8.17
CA LEU B 60 14.22 21.39 -8.51
C LEU B 60 14.16 20.70 -9.87
N THR B 61 13.05 20.01 -10.09
CA THR B 61 12.77 19.32 -11.33
C THR B 61 11.28 19.59 -11.46
N LEU B 62 10.72 19.34 -12.64
CA LEU B 62 9.30 19.56 -12.82
C LEU B 62 8.84 18.79 -14.03
N TYR B 63 7.53 18.56 -14.10
CA TYR B 63 6.93 17.84 -15.21
C TYR B 63 5.75 18.68 -15.63
N GLN B 64 5.02 18.24 -16.65
CA GLN B 64 3.87 18.99 -17.13
C GLN B 64 4.31 20.30 -17.80
N SER B 65 3.82 20.57 -19.01
CA SER B 65 4.19 21.79 -19.72
C SER B 65 3.70 23.05 -19.03
N ASN B 66 2.63 22.94 -18.25
CA ASN B 66 2.09 24.13 -17.61
C ASN B 66 2.67 24.37 -16.24
N THR B 67 3.16 23.32 -15.60
CA THR B 67 3.73 23.50 -14.27
C THR B 67 5.01 24.27 -14.48
N ILE B 68 5.60 24.13 -15.68
CA ILE B 68 6.83 24.85 -15.97
C ILE B 68 6.49 26.24 -16.50
N LEU B 69 5.33 26.37 -17.14
CA LEU B 69 4.95 27.67 -17.66
C LEU B 69 4.43 28.58 -16.57
N ARG B 70 3.87 27.98 -15.51
CA ARG B 70 3.32 28.74 -14.40
C ARG B 70 4.39 28.93 -13.33
N HIS B 71 5.48 28.17 -13.46
CA HIS B 71 6.57 28.21 -12.50
C HIS B 71 7.55 29.31 -12.86
N LEU B 72 7.63 29.63 -14.14
CA LEU B 72 8.54 30.66 -14.61
C LEU B 72 7.84 32.00 -14.72
N GLY B 73 6.51 31.97 -14.58
CA GLY B 73 5.75 33.20 -14.66
C GLY B 73 5.81 33.77 -13.26
N ARG B 74 5.71 32.86 -12.30
CA ARG B 74 5.73 33.21 -10.89
C ARG B 74 7.13 33.57 -10.43
N THR B 75 8.15 32.91 -10.97
CA THR B 75 9.52 33.23 -10.55
C THR B 75 10.12 34.31 -11.41
N LEU B 76 9.35 34.82 -12.36
CA LEU B 76 9.82 35.88 -13.25
C LEU B 76 8.84 37.03 -13.40
N GLY B 77 7.80 37.05 -12.56
CA GLY B 77 6.84 38.14 -12.62
C GLY B 77 6.02 38.21 -13.89
N LEU B 78 5.79 37.05 -14.50
CA LEU B 78 5.00 36.93 -15.73
C LEU B 78 3.61 36.35 -15.41
N TYR B 79 3.22 36.43 -14.14
CA TYR B 79 1.93 35.88 -13.68
C TYR B 79 0.77 36.87 -13.41
N GLY B 80 0.92 38.12 -13.83
CA GLY B 80 -0.14 39.09 -13.57
C GLY B 80 0.35 40.08 -12.54
N LYS B 81 -0.54 40.93 -12.03
CA LYS B 81 -0.11 41.91 -11.05
C LYS B 81 -0.80 41.68 -9.70
N ASP B 82 -1.85 40.86 -9.70
CA ASP B 82 -2.57 40.58 -8.47
C ASP B 82 -3.26 39.24 -8.52
N GLN B 83 -3.99 38.93 -7.45
CA GLN B 83 -4.69 37.65 -7.33
C GLN B 83 -5.76 37.45 -8.36
N GLN B 84 -6.23 38.54 -8.96
CA GLN B 84 -7.30 38.38 -9.94
C GLN B 84 -6.81 38.44 -11.37
N GLU B 85 -5.67 39.08 -11.61
CA GLU B 85 -5.19 39.12 -12.97
C GLU B 85 -4.55 37.76 -13.16
N ALA B 86 -4.13 37.18 -12.05
CA ALA B 86 -3.48 35.88 -12.07
C ALA B 86 -4.52 34.78 -12.14
N ALA B 87 -5.79 35.20 -12.16
CA ALA B 87 -6.88 34.24 -12.26
C ALA B 87 -7.39 34.34 -13.69
N LEU B 88 -7.29 35.53 -14.28
CA LEU B 88 -7.72 35.73 -15.66
C LEU B 88 -6.58 35.35 -16.58
N VAL B 89 -5.40 35.16 -16.00
CA VAL B 89 -4.21 34.77 -16.74
C VAL B 89 -4.14 33.25 -16.68
N ASP B 90 -4.93 32.68 -15.77
CA ASP B 90 -4.97 31.23 -15.60
C ASP B 90 -6.18 30.72 -16.38
N MET B 91 -7.11 31.61 -16.69
CA MET B 91 -8.33 31.23 -17.41
C MET B 91 -8.08 31.12 -18.90
N VAL B 92 -7.15 31.94 -19.39
CA VAL B 92 -6.80 31.95 -20.80
C VAL B 92 -5.96 30.71 -21.10
N ASN B 93 -5.16 30.30 -20.12
CA ASN B 93 -4.25 29.15 -20.30
C ASN B 93 -4.93 27.77 -20.29
N ASP B 94 -6.05 27.62 -19.58
CA ASP B 94 -6.72 26.32 -19.55
C ASP B 94 -7.53 26.16 -20.83
N GLY B 95 -7.92 27.28 -21.42
CA GLY B 95 -8.68 27.26 -22.67
C GLY B 95 -7.66 27.05 -23.77
N VAL B 96 -6.51 27.71 -23.61
CA VAL B 96 -5.42 27.57 -24.56
C VAL B 96 -4.86 26.14 -24.43
N GLU B 97 -5.03 25.49 -23.29
CA GLU B 97 -4.52 24.13 -23.17
C GLU B 97 -5.60 23.12 -23.56
N ASP B 98 -6.81 23.61 -23.78
CA ASP B 98 -7.90 22.75 -24.16
C ASP B 98 -8.05 22.65 -25.68
N LEU B 99 -7.64 23.70 -26.41
CA LEU B 99 -7.75 23.69 -27.86
C LEU B 99 -6.49 23.12 -28.49
N ARG B 100 -5.45 23.00 -27.68
CA ARG B 100 -4.20 22.44 -28.18
C ARG B 100 -4.30 20.97 -27.89
N CYS B 101 -5.09 20.63 -26.88
CA CYS B 101 -5.26 19.23 -26.49
C CYS B 101 -6.12 18.62 -27.55
N LYS B 102 -6.80 19.50 -28.29
CA LYS B 102 -7.67 19.09 -29.37
C LYS B 102 -6.84 19.13 -30.65
N TYR B 103 -5.73 19.87 -30.63
CA TYR B 103 -4.91 19.95 -31.82
C TYR B 103 -3.92 18.80 -31.82
N ILE B 104 -3.68 18.25 -30.63
CA ILE B 104 -2.73 17.16 -30.50
C ILE B 104 -3.36 15.86 -30.97
N SER B 105 -4.69 15.84 -30.99
CA SER B 105 -5.42 14.65 -31.41
C SER B 105 -5.66 14.73 -32.92
N LEU B 106 -5.52 15.92 -33.49
CA LEU B 106 -5.71 16.05 -34.92
C LEU B 106 -4.37 15.78 -35.60
N ILE B 107 -3.28 15.96 -34.86
CA ILE B 107 -1.96 15.73 -35.44
C ILE B 107 -1.35 14.40 -35.04
N TYR B 108 -2.09 13.57 -34.31
CA TYR B 108 -1.52 12.28 -33.93
C TYR B 108 -2.49 11.11 -33.93
N THR B 109 -3.80 11.40 -34.05
CA THR B 109 -4.77 10.31 -34.04
C THR B 109 -5.88 10.39 -35.09
N ASN B 110 -5.90 11.44 -35.93
CA ASN B 110 -6.97 11.56 -36.92
C ASN B 110 -6.79 12.54 -38.09
N TYR B 111 -5.57 13.03 -38.28
CA TYR B 111 -5.27 14.00 -39.35
C TYR B 111 -5.73 13.64 -40.77
N GLU B 112 -6.17 12.41 -41.01
CA GLU B 112 -6.58 12.02 -42.38
C GLU B 112 -8.05 11.57 -42.49
N ALA B 113 -8.78 11.63 -41.39
CA ALA B 113 -10.17 11.21 -41.39
C ALA B 113 -11.08 12.28 -40.77
N GLY B 114 -10.49 13.41 -40.43
CA GLY B 114 -11.27 14.47 -39.84
C GLY B 114 -10.42 15.70 -39.61
N LYS B 115 -9.43 15.90 -40.48
CA LYS B 115 -8.56 17.05 -40.36
C LYS B 115 -9.21 18.26 -40.99
N ASP B 116 -10.33 18.06 -41.66
CA ASP B 116 -11.04 19.17 -42.29
C ASP B 116 -12.34 19.45 -41.55
N ASP B 117 -12.62 18.63 -40.55
CA ASP B 117 -13.81 18.82 -39.72
C ASP B 117 -13.29 19.61 -38.52
N TYR B 118 -11.97 19.78 -38.48
CA TYR B 118 -11.34 20.48 -37.37
C TYR B 118 -11.09 21.95 -37.74
N VAL B 119 -10.93 22.21 -39.02
CA VAL B 119 -10.70 23.58 -39.43
C VAL B 119 -12.06 24.20 -39.64
N LYS B 120 -13.07 23.33 -39.69
CA LYS B 120 -14.45 23.77 -39.89
C LYS B 120 -15.11 24.32 -38.65
N ALA B 121 -14.52 24.06 -37.48
CA ALA B 121 -15.11 24.53 -36.22
C ALA B 121 -14.09 25.34 -35.44
N LEU B 122 -12.93 25.53 -36.05
CA LEU B 122 -11.82 26.27 -35.47
C LEU B 122 -12.05 27.76 -35.25
N PRO B 123 -12.91 28.40 -36.06
CA PRO B 123 -13.14 29.84 -35.86
C PRO B 123 -13.77 30.09 -34.51
N GLY B 124 -14.79 29.31 -34.20
CA GLY B 124 -15.46 29.44 -32.93
C GLY B 124 -14.49 29.06 -31.81
N GLN B 125 -13.52 28.19 -32.11
CA GLN B 125 -12.59 27.79 -31.07
C GLN B 125 -11.62 28.93 -30.83
N LEU B 126 -11.61 29.88 -31.76
CA LEU B 126 -10.71 31.04 -31.66
C LEU B 126 -11.43 32.35 -31.32
N LYS B 127 -12.76 32.38 -31.47
CA LYS B 127 -13.49 33.59 -31.13
C LYS B 127 -13.28 33.96 -29.65
N PRO B 128 -13.34 32.97 -28.74
CA PRO B 128 -13.14 33.30 -27.33
C PRO B 128 -11.94 34.21 -26.99
N PHE B 129 -10.76 33.88 -27.51
CA PHE B 129 -9.57 34.69 -27.24
C PHE B 129 -9.58 36.04 -27.94
N GLU B 130 -10.37 36.19 -29.00
CA GLU B 130 -10.43 37.46 -29.72
C GLU B 130 -11.44 38.32 -28.99
N THR B 131 -12.29 37.63 -28.25
CA THR B 131 -13.34 38.24 -27.47
C THR B 131 -12.77 38.81 -26.18
N LEU B 132 -11.59 38.31 -25.79
CA LEU B 132 -10.99 38.80 -24.56
C LEU B 132 -10.03 39.95 -24.87
N LEU B 133 -9.61 40.05 -26.13
CA LEU B 133 -8.70 41.12 -26.52
C LEU B 133 -9.58 42.31 -26.83
N SER B 134 -10.75 42.04 -27.39
CA SER B 134 -11.67 43.13 -27.70
C SER B 134 -12.15 43.70 -26.37
N GLN B 135 -11.99 42.91 -25.31
CA GLN B 135 -12.39 43.30 -23.96
C GLN B 135 -11.18 43.78 -23.16
N ASN B 136 -9.99 43.72 -23.76
CA ASN B 136 -8.79 44.17 -23.09
C ASN B 136 -8.60 45.64 -23.45
N GLN B 137 -7.45 46.20 -23.10
CA GLN B 137 -7.15 47.61 -23.42
C GLN B 137 -7.40 48.00 -24.88
N GLY B 138 -8.17 47.17 -25.59
CA GLY B 138 -8.50 47.42 -26.98
C GLY B 138 -7.97 46.29 -27.84
N GLY B 139 -7.22 45.41 -27.20
CA GLY B 139 -6.61 44.28 -27.88
C GLY B 139 -5.24 44.77 -28.30
N LYS B 140 -4.95 46.01 -27.92
CA LYS B 140 -3.69 46.66 -28.23
C LYS B 140 -2.58 46.34 -27.24
N THR B 141 -2.88 45.44 -26.32
CA THR B 141 -1.95 45.03 -25.27
C THR B 141 -1.68 43.51 -25.34
N PHE B 142 -1.55 42.93 -24.16
CA PHE B 142 -1.32 41.50 -24.00
C PHE B 142 -2.67 40.83 -23.72
N ILE B 143 -2.68 39.53 -23.48
CA ILE B 143 -3.96 38.87 -23.28
C ILE B 143 -4.62 39.20 -21.93
N VAL B 144 -3.82 39.73 -21.01
CA VAL B 144 -4.31 40.10 -19.70
C VAL B 144 -3.52 41.31 -19.21
N GLY B 145 -4.16 42.16 -18.41
CA GLY B 145 -3.51 43.34 -17.88
C GLY B 145 -2.70 44.15 -18.87
N ASP B 146 -1.83 45.00 -18.32
CA ASP B 146 -0.96 45.85 -19.11
C ASP B 146 0.41 45.25 -19.28
N GLN B 147 0.61 44.07 -18.69
CA GLN B 147 1.89 43.37 -18.80
C GLN B 147 1.68 42.03 -19.50
N ILE B 148 2.77 41.44 -19.97
CA ILE B 148 2.69 40.15 -20.66
C ILE B 148 2.74 39.05 -19.59
N SER B 149 2.19 37.88 -19.93
CA SER B 149 2.19 36.77 -18.99
C SER B 149 2.56 35.51 -19.77
N PHE B 150 2.64 34.38 -19.09
CA PHE B 150 3.01 33.14 -19.77
C PHE B 150 1.86 32.64 -20.61
N ALA B 151 0.71 33.28 -20.50
CA ALA B 151 -0.42 32.82 -21.28
C ALA B 151 -0.25 33.35 -22.68
N ASP B 152 0.47 34.46 -22.80
CA ASP B 152 0.67 35.08 -24.09
C ASP B 152 1.56 34.21 -24.99
N TYR B 153 2.51 33.50 -24.39
CA TYR B 153 3.40 32.66 -25.18
C TYR B 153 2.78 31.30 -25.44
N ASN B 154 1.75 30.97 -24.67
CA ASN B 154 1.10 29.69 -24.88
C ASN B 154 0.03 29.85 -25.95
N LEU B 155 -0.51 31.06 -26.08
CA LEU B 155 -1.54 31.30 -27.09
C LEU B 155 -0.87 31.76 -28.38
N LEU B 156 0.28 32.41 -28.26
CA LEU B 156 0.99 32.90 -29.44
C LEU B 156 1.56 31.75 -30.24
N ASP B 157 1.79 30.60 -29.60
CA ASP B 157 2.32 29.44 -30.32
C ASP B 157 1.17 28.61 -30.84
N LEU B 158 0.08 28.57 -30.10
CA LEU B 158 -1.09 27.81 -30.54
C LEU B 158 -1.69 28.58 -31.71
N LEU B 159 -1.45 29.88 -31.76
CA LEU B 159 -1.95 30.69 -32.85
C LEU B 159 -0.96 30.67 -34.00
N LEU B 160 0.28 30.30 -33.69
CA LEU B 160 1.33 30.25 -34.70
C LEU B 160 1.30 28.93 -35.44
N ILE B 161 0.92 27.86 -34.75
CA ILE B 161 0.87 26.53 -35.34
C ILE B 161 -0.46 26.25 -35.99
N HIS B 162 -1.36 27.22 -35.91
CA HIS B 162 -2.67 27.06 -36.52
C HIS B 162 -2.62 27.81 -37.84
N GLU B 163 -1.77 28.82 -37.90
CA GLU B 163 -1.65 29.57 -39.13
C GLU B 163 -0.94 28.66 -40.13
N VAL B 164 -0.44 27.53 -39.63
CA VAL B 164 0.29 26.59 -40.48
C VAL B 164 -0.53 25.36 -40.90
N LEU B 165 -1.57 25.01 -40.16
CA LEU B 165 -2.34 23.84 -40.55
C LEU B 165 -3.55 24.31 -41.37
N ALA B 166 -3.88 25.58 -41.20
CA ALA B 166 -5.00 26.16 -41.91
C ALA B 166 -4.67 27.63 -42.11
N PRO B 167 -3.89 27.95 -43.15
CA PRO B 167 -3.52 29.34 -43.43
C PRO B 167 -4.73 30.22 -43.70
N GLY B 168 -4.80 31.34 -42.99
CA GLY B 168 -5.92 32.25 -43.15
C GLY B 168 -6.96 32.02 -42.06
N CYS B 169 -6.58 31.34 -40.99
CA CYS B 169 -7.52 31.08 -39.90
C CYS B 169 -7.63 32.30 -38.99
N LEU B 170 -6.83 33.33 -39.27
CA LEU B 170 -6.84 34.55 -38.48
C LEU B 170 -7.42 35.75 -39.23
N ASP B 171 -7.93 35.54 -40.44
CA ASP B 171 -8.49 36.64 -41.23
C ASP B 171 -9.88 37.09 -40.78
N ALA B 172 -10.48 36.35 -39.87
CA ALA B 172 -11.80 36.72 -39.37
C ALA B 172 -11.61 37.33 -37.99
N PHE B 173 -10.40 37.19 -37.47
CA PHE B 173 -10.06 37.70 -36.16
C PHE B 173 -9.00 38.80 -36.23
N PRO B 174 -9.43 40.04 -36.49
CA PRO B 174 -8.65 41.27 -36.61
C PRO B 174 -7.65 41.50 -35.48
N LEU B 175 -8.11 41.29 -34.25
CA LEU B 175 -7.26 41.54 -33.09
C LEU B 175 -6.23 40.45 -32.85
N LEU B 176 -6.50 39.23 -33.30
CA LEU B 176 -5.56 38.14 -33.07
C LEU B 176 -4.51 38.20 -34.16
N SER B 177 -4.83 38.94 -35.22
CA SER B 177 -3.94 39.08 -36.34
C SER B 177 -2.92 40.17 -36.08
N ALA B 178 -3.26 41.10 -35.18
CA ALA B 178 -2.35 42.18 -34.86
C ALA B 178 -1.60 41.93 -33.56
N TYR B 179 -2.14 41.03 -32.75
CA TYR B 179 -1.53 40.70 -31.48
C TYR B 179 -0.51 39.58 -31.72
N VAL B 180 -0.70 38.86 -32.81
CA VAL B 180 0.16 37.74 -33.18
C VAL B 180 1.27 38.26 -34.07
N GLY B 181 1.18 39.54 -34.42
CA GLY B 181 2.19 40.14 -35.26
C GLY B 181 3.09 41.05 -34.45
N ARG B 182 2.61 41.50 -33.31
CA ARG B 182 3.39 42.40 -32.47
C ARG B 182 4.20 41.67 -31.41
N LEU B 183 3.91 40.38 -31.23
CA LEU B 183 4.63 39.63 -30.22
C LEU B 183 5.76 38.84 -30.84
N SER B 184 5.63 38.55 -32.13
CA SER B 184 6.67 37.82 -32.83
C SER B 184 7.71 38.83 -33.31
N ALA B 185 7.39 40.09 -33.11
CA ALA B 185 8.26 41.19 -33.52
C ALA B 185 9.06 41.73 -32.34
N ARG B 186 8.80 41.16 -31.15
CA ARG B 186 9.55 41.57 -29.96
C ARG B 186 11.00 41.08 -30.18
N PRO B 187 11.97 42.01 -30.21
CA PRO B 187 13.42 41.80 -30.42
C PRO B 187 14.05 40.44 -30.10
N LYS B 188 13.93 39.95 -28.87
CA LYS B 188 14.53 38.67 -28.52
C LYS B 188 13.73 37.44 -28.92
N LEU B 189 12.44 37.61 -29.22
CA LEU B 189 11.63 36.46 -29.60
C LEU B 189 11.60 36.34 -31.11
N LYS B 190 11.75 37.47 -31.79
CA LYS B 190 11.74 37.44 -33.25
C LYS B 190 13.12 36.92 -33.64
N ALA B 191 14.05 36.99 -32.70
CA ALA B 191 15.39 36.50 -32.99
C ALA B 191 15.46 34.99 -32.75
N PHE B 192 14.45 34.48 -32.06
CA PHE B 192 14.39 33.05 -31.74
C PHE B 192 13.50 32.29 -32.70
N LEU B 193 12.65 33.01 -33.43
CA LEU B 193 11.74 32.37 -34.36
C LEU B 193 12.40 32.19 -35.71
N ALA B 194 13.41 33.02 -35.99
CA ALA B 194 14.13 32.95 -37.25
C ALA B 194 15.41 32.13 -37.15
N SER B 195 15.72 31.67 -35.94
CA SER B 195 16.91 30.89 -35.66
C SER B 195 16.69 29.42 -36.03
N PRO B 196 17.79 28.69 -36.34
CA PRO B 196 17.74 27.26 -36.68
C PRO B 196 17.31 26.43 -35.48
N GLU B 197 17.52 26.99 -34.29
CA GLU B 197 17.16 26.31 -33.05
C GLU B 197 15.67 26.04 -33.01
N TYR B 198 14.89 26.94 -33.63
CA TYR B 198 13.45 26.76 -33.66
C TYR B 198 12.94 26.63 -35.07
N VAL B 199 13.71 27.10 -36.05
CA VAL B 199 13.24 27.00 -37.43
C VAL B 199 13.50 25.62 -38.04
N ASN B 200 14.37 24.84 -37.42
CA ASN B 200 14.71 23.52 -37.98
C ASN B 200 14.08 22.27 -37.34
N LEU B 201 13.30 22.44 -36.27
CA LEU B 201 12.64 21.29 -35.66
C LEU B 201 11.21 21.29 -36.16
N PRO B 202 10.56 20.12 -36.19
CA PRO B 202 9.18 20.02 -36.66
C PRO B 202 8.23 20.52 -35.58
N ILE B 203 7.04 20.96 -35.97
CA ILE B 203 6.09 21.45 -34.98
C ILE B 203 5.68 20.25 -34.13
N ASN B 204 5.68 19.07 -34.73
CA ASN B 204 5.25 17.87 -34.04
C ASN B 204 6.27 16.71 -34.16
N GLY B 205 5.94 15.57 -33.55
CA GLY B 205 6.83 14.43 -33.60
C GLY B 205 6.55 13.43 -34.72
N ASN B 206 5.32 13.43 -35.21
CA ASN B 206 4.95 12.52 -36.29
C ASN B 206 5.24 13.16 -37.63
N GLY B 207 5.72 14.41 -37.57
CA GLY B 207 6.05 15.14 -38.78
C GLY B 207 4.93 15.87 -39.49
N LYS B 208 3.67 15.70 -39.05
CA LYS B 208 2.52 16.37 -39.71
C LYS B 208 2.26 17.78 -39.22
N GLN B 209 1.50 18.56 -40.00
CA GLN B 209 1.24 19.95 -39.65
C GLN B 209 0.11 20.60 -40.45
N PRO C 2 -10.01 -16.42 -3.04
CA PRO C 2 -10.95 -16.94 -2.01
C PRO C 2 -10.51 -16.50 -0.63
N TYR C 3 -9.46 -15.68 -0.58
CA TYR C 3 -8.94 -15.26 0.70
C TYR C 3 -9.03 -13.77 1.01
N THR C 4 -9.07 -13.51 2.32
CA THR C 4 -9.12 -12.17 2.86
C THR C 4 -8.20 -12.20 4.07
N VAL C 5 -7.68 -11.04 4.44
CA VAL C 5 -6.75 -10.92 5.54
C VAL C 5 -7.13 -9.65 6.25
N VAL C 6 -7.03 -9.66 7.57
CA VAL C 6 -7.37 -8.46 8.31
C VAL C 6 -6.13 -8.31 9.12
N TYR C 7 -5.62 -7.09 9.18
CA TYR C 7 -4.39 -6.84 9.90
C TYR C 7 -4.14 -5.35 9.74
N PHE C 8 -3.18 -4.87 10.52
CA PHE C 8 -2.80 -3.46 10.52
C PHE C 8 -2.04 -3.11 9.25
N PRO C 9 -1.71 -1.82 9.05
CA PRO C 9 -0.99 -1.45 7.84
C PRO C 9 0.52 -1.66 7.90
N VAL C 10 0.94 -2.90 8.10
CA VAL C 10 2.36 -3.23 8.16
C VAL C 10 2.53 -4.64 7.58
N ARG C 11 3.78 -5.08 7.39
CA ARG C 11 3.97 -6.43 6.88
C ARG C 11 4.02 -7.39 8.07
N GLY C 12 4.46 -6.90 9.21
CA GLY C 12 4.56 -7.69 10.42
C GLY C 12 4.58 -9.21 10.27
N ARG C 13 3.68 -9.86 10.98
CA ARG C 13 3.54 -11.31 10.98
C ARG C 13 2.80 -11.86 9.75
N CYS C 14 2.35 -10.96 8.87
CA CYS C 14 1.64 -11.39 7.66
C CYS C 14 2.60 -11.30 6.46
N ALA C 15 3.79 -10.79 6.71
CA ALA C 15 4.77 -10.62 5.64
C ALA C 15 5.10 -11.92 4.96
N ALA C 16 5.15 -13.03 5.72
CA ALA C 16 5.52 -14.29 5.11
C ALA C 16 4.39 -15.06 4.39
N LEU C 17 3.15 -14.95 4.87
CA LEU C 17 2.08 -15.66 4.18
C LEU C 17 1.67 -14.96 2.90
N ARG C 18 1.94 -13.67 2.80
CA ARG C 18 1.60 -12.90 1.59
C ARG C 18 2.61 -13.25 0.53
N MET C 19 3.74 -13.73 1.01
CA MET C 19 4.84 -14.10 0.15
C MET C 19 4.63 -15.48 -0.43
N LEU C 20 3.67 -16.22 0.11
CA LEU C 20 3.39 -17.57 -0.36
C LEU C 20 2.20 -17.58 -1.32
N LEU C 21 1.37 -16.54 -1.27
CA LEU C 21 0.20 -16.48 -2.12
C LEU C 21 0.47 -15.67 -3.36
N ALA C 22 1.50 -14.83 -3.33
CA ALA C 22 1.84 -14.05 -4.51
C ALA C 22 2.75 -14.93 -5.34
N ASP C 23 3.52 -15.81 -4.69
CA ASP C 23 4.42 -16.68 -5.41
C ASP C 23 3.68 -17.91 -5.93
N GLN C 24 2.45 -18.12 -5.45
CA GLN C 24 1.66 -19.27 -5.89
C GLN C 24 0.57 -18.88 -6.89
N GLY C 25 0.49 -17.59 -7.17
CA GLY C 25 -0.49 -17.10 -8.12
C GLY C 25 -1.89 -17.09 -7.53
N GLN C 26 -1.98 -16.87 -6.22
CA GLN C 26 -3.27 -16.83 -5.57
C GLN C 26 -3.70 -15.39 -5.37
N SER C 27 -5.00 -15.17 -5.27
CA SER C 27 -5.50 -13.83 -5.08
C SER C 27 -6.06 -13.78 -3.66
N TRP C 28 -6.19 -12.58 -3.12
CA TRP C 28 -6.72 -12.41 -1.78
C TRP C 28 -7.04 -10.94 -1.56
N LYS C 29 -7.84 -10.65 -0.55
CA LYS C 29 -8.20 -9.28 -0.27
C LYS C 29 -7.62 -8.82 1.05
N GLU C 30 -7.38 -7.51 1.17
CA GLU C 30 -6.87 -6.97 2.40
C GLU C 30 -8.11 -6.40 3.07
N GLU C 31 -7.96 -5.88 4.27
CA GLU C 31 -9.09 -5.32 4.99
C GLU C 31 -8.55 -4.33 6.00
N VAL C 32 -7.24 -4.14 5.95
CA VAL C 32 -6.48 -3.22 6.81
C VAL C 32 -7.24 -2.72 8.03
N VAL C 33 -6.52 -2.56 9.13
CA VAL C 33 -7.14 -2.06 10.34
C VAL C 33 -6.16 -1.01 10.80
N THR C 34 -6.66 0.12 11.25
CA THR C 34 -5.78 1.18 11.69
C THR C 34 -5.73 1.10 13.21
N VAL C 35 -4.77 1.77 13.81
CA VAL C 35 -4.63 1.68 15.26
C VAL C 35 -5.73 2.43 15.99
N GLU C 36 -6.30 3.43 15.34
CA GLU C 36 -7.34 4.21 15.98
C GLU C 36 -8.68 3.49 15.82
N THR C 37 -8.73 2.61 14.82
CA THR C 37 -9.91 1.84 14.52
C THR C 37 -9.93 0.59 15.36
N TRP C 38 -8.75 0.21 15.86
CA TRP C 38 -8.61 -0.98 16.68
C TRP C 38 -8.83 -0.71 18.17
N GLN C 39 -8.67 0.55 18.59
CA GLN C 39 -8.83 0.91 19.98
C GLN C 39 -10.30 1.08 20.37
N GLU C 40 -11.19 0.96 19.39
CA GLU C 40 -12.61 1.07 19.67
C GLU C 40 -13.02 -0.27 20.26
N GLY C 41 -12.09 -1.22 20.15
CA GLY C 41 -12.29 -2.57 20.68
C GLY C 41 -13.38 -3.51 20.18
N SER C 42 -14.31 -3.06 19.35
CA SER C 42 -15.34 -4.00 18.93
C SER C 42 -14.83 -5.09 18.01
N LEU C 43 -13.87 -4.78 17.13
CA LEU C 43 -13.40 -5.83 16.24
C LEU C 43 -12.38 -6.68 16.97
N LYS C 44 -11.70 -6.09 17.95
CA LYS C 44 -10.71 -6.85 18.68
C LYS C 44 -11.41 -7.78 19.64
N ALA C 45 -12.62 -7.40 20.04
CA ALA C 45 -13.41 -8.18 20.97
C ALA C 45 -14.04 -9.34 20.21
N SER C 46 -14.03 -9.24 18.89
CA SER C 46 -14.60 -10.29 18.06
C SER C 46 -13.48 -11.22 17.61
N CYS C 47 -12.24 -10.81 17.86
CA CYS C 47 -11.12 -11.64 17.47
C CYS C 47 -11.10 -12.75 18.49
N LEU C 48 -10.52 -13.90 18.16
CA LEU C 48 -10.53 -15.01 19.09
C LEU C 48 -9.51 -14.88 20.20
N TYR C 49 -8.35 -14.31 19.87
CA TYR C 49 -7.29 -14.13 20.85
C TYR C 49 -7.13 -12.65 21.16
N GLY C 50 -8.02 -11.84 20.62
CA GLY C 50 -7.97 -10.41 20.85
C GLY C 50 -6.89 -9.71 20.04
N GLN C 51 -6.46 -10.33 18.94
CA GLN C 51 -5.43 -9.72 18.10
C GLN C 51 -5.47 -10.17 16.65
N LEU C 52 -4.61 -9.52 15.86
CA LEU C 52 -4.51 -9.80 14.44
C LEU C 52 -3.23 -10.58 14.16
N PRO C 53 -3.09 -11.18 12.96
CA PRO C 53 -4.07 -11.17 11.87
C PRO C 53 -5.19 -12.20 11.95
N LYS C 54 -6.23 -11.96 11.17
CA LYS C 54 -7.32 -12.91 11.10
C LYS C 54 -7.24 -13.33 9.63
N PHE C 55 -7.69 -14.54 9.32
CA PHE C 55 -7.64 -15.02 7.96
C PHE C 55 -8.98 -15.66 7.67
N GLN C 56 -9.21 -15.98 6.40
CA GLN C 56 -10.45 -16.62 6.00
C GLN C 56 -10.22 -17.17 4.62
N ASP C 57 -11.23 -17.87 4.13
CA ASP C 57 -11.17 -18.47 2.81
C ASP C 57 -12.41 -19.33 2.85
N GLY C 58 -13.16 -19.39 1.76
CA GLY C 58 -14.37 -20.17 1.79
C GLY C 58 -15.16 -19.67 3.00
N ASP C 59 -15.95 -20.54 3.60
CA ASP C 59 -16.74 -20.16 4.76
C ASP C 59 -15.94 -20.14 6.06
N LEU C 60 -14.64 -20.46 5.99
CA LEU C 60 -13.83 -20.51 7.21
C LEU C 60 -12.99 -19.31 7.58
N THR C 61 -12.71 -19.20 8.87
CA THR C 61 -11.89 -18.11 9.41
C THR C 61 -11.06 -18.69 10.54
N LEU C 62 -10.00 -17.97 10.90
CA LEU C 62 -9.15 -18.38 12.00
C LEU C 62 -8.12 -17.31 12.31
N TYR C 63 -7.35 -17.56 13.36
CA TYR C 63 -6.30 -16.65 13.80
C TYR C 63 -4.99 -17.43 13.92
N GLN C 64 -3.94 -16.73 14.35
CA GLN C 64 -2.58 -17.26 14.51
C GLN C 64 -1.94 -17.39 13.14
N SER C 65 -1.04 -16.47 12.82
CA SER C 65 -0.42 -16.51 11.50
C SER C 65 0.26 -17.82 11.16
N ASN C 66 0.77 -18.54 12.16
CA ASN C 66 1.45 -19.79 11.86
C ASN C 66 0.42 -20.84 11.54
N THR C 67 -0.82 -20.57 11.97
CA THR C 67 -1.96 -21.44 11.74
C THR C 67 -2.39 -21.18 10.31
N ILE C 68 -2.22 -19.93 9.88
CA ILE C 68 -2.56 -19.54 8.53
C ILE C 68 -1.47 -19.98 7.54
N LEU C 69 -0.28 -20.25 8.05
CA LEU C 69 0.82 -20.67 7.18
C LEU C 69 0.75 -22.16 6.93
N ARG C 70 0.35 -22.89 7.95
CA ARG C 70 0.25 -24.34 7.86
C ARG C 70 -1.04 -24.70 7.16
N HIS C 71 -1.96 -23.75 7.12
CA HIS C 71 -3.21 -24.03 6.46
C HIS C 71 -3.07 -23.71 4.98
N LEU C 72 -2.19 -22.77 4.66
CA LEU C 72 -1.96 -22.40 3.26
C LEU C 72 -1.02 -23.41 2.63
N GLY C 73 -0.23 -24.09 3.47
CA GLY C 73 0.68 -25.12 3.01
C GLY C 73 -0.02 -26.47 2.90
N ARG C 74 -1.02 -26.70 3.76
CA ARG C 74 -1.74 -27.96 3.75
C ARG C 74 -2.72 -28.02 2.58
N THR C 75 -3.18 -26.86 2.14
CA THR C 75 -4.14 -26.76 1.04
C THR C 75 -3.49 -26.45 -0.29
N LEU C 76 -2.28 -25.92 -0.23
CA LEU C 76 -1.59 -25.55 -1.45
C LEU C 76 -0.43 -26.48 -1.79
N GLY C 77 -0.12 -27.43 -0.90
CA GLY C 77 0.97 -28.35 -1.18
C GLY C 77 2.36 -27.83 -0.83
N LEU C 78 2.41 -26.96 0.18
CA LEU C 78 3.66 -26.37 0.66
C LEU C 78 4.01 -27.03 1.98
N TYR C 79 3.77 -28.34 2.05
CA TYR C 79 4.00 -29.09 3.28
C TYR C 79 4.89 -30.33 3.25
N GLY C 80 5.62 -30.53 2.16
CA GLY C 80 6.48 -31.69 2.06
C GLY C 80 5.83 -32.74 1.19
N LYS C 81 6.60 -33.74 0.79
CA LYS C 81 6.08 -34.81 -0.07
C LYS C 81 5.57 -36.03 0.66
N ASP C 82 5.73 -36.02 1.98
CA ASP C 82 5.30 -37.13 2.84
C ASP C 82 5.25 -36.65 4.29
N GLN C 83 4.95 -37.58 5.20
CA GLN C 83 4.80 -37.23 6.63
C GLN C 83 6.03 -36.94 7.46
N GLN C 84 7.22 -37.33 7.00
CA GLN C 84 8.41 -37.05 7.81
C GLN C 84 9.00 -35.73 7.37
N GLU C 85 8.64 -35.32 6.15
CA GLU C 85 9.16 -34.07 5.63
C GLU C 85 8.32 -32.93 6.17
N ALA C 86 7.08 -33.25 6.55
CA ALA C 86 6.18 -32.25 7.08
C ALA C 86 6.61 -31.93 8.51
N ALA C 87 7.33 -32.88 9.11
CA ALA C 87 7.82 -32.73 10.47
C ALA C 87 9.18 -32.04 10.45
N LEU C 88 9.82 -32.00 9.27
CA LEU C 88 11.11 -31.32 9.13
C LEU C 88 10.80 -29.90 8.65
N VAL C 89 9.60 -29.75 8.09
CA VAL C 89 9.13 -28.46 7.61
C VAL C 89 8.50 -27.83 8.85
N ASP C 90 8.06 -28.69 9.78
CA ASP C 90 7.43 -28.27 11.03
C ASP C 90 8.49 -27.89 12.05
N MET C 91 9.73 -28.35 11.84
CA MET C 91 10.80 -28.06 12.77
C MET C 91 11.56 -26.81 12.41
N VAL C 92 11.45 -26.39 11.14
CA VAL C 92 12.15 -25.21 10.68
C VAL C 92 11.28 -23.95 10.74
N ASN C 93 9.96 -24.10 10.79
CA ASN C 93 9.06 -22.94 10.87
C ASN C 93 8.98 -22.63 12.36
N ASP C 94 9.05 -23.68 13.14
CA ASP C 94 8.98 -23.55 14.58
C ASP C 94 10.26 -22.87 15.04
N GLY C 95 11.35 -23.12 14.31
CA GLY C 95 12.63 -22.52 14.65
C GLY C 95 12.68 -21.09 14.14
N VAL C 96 12.06 -20.86 13.00
CA VAL C 96 12.01 -19.53 12.40
C VAL C 96 11.15 -18.63 13.29
N GLU C 97 10.16 -19.20 13.96
CA GLU C 97 9.29 -18.39 14.80
C GLU C 97 9.87 -18.12 16.18
N ASP C 98 10.81 -18.95 16.62
CA ASP C 98 11.38 -18.75 17.94
C ASP C 98 12.28 -17.55 17.95
N LEU C 99 12.83 -17.24 16.78
CA LEU C 99 13.73 -16.13 16.62
C LEU C 99 12.96 -14.90 16.22
N ARG C 100 11.72 -15.08 15.77
CA ARG C 100 10.88 -13.95 15.39
C ARG C 100 10.29 -13.40 16.66
N CYS C 101 10.17 -14.26 17.66
CA CYS C 101 9.59 -13.89 18.94
C CYS C 101 10.58 -13.12 19.80
N LYS C 102 11.88 -13.16 19.45
CA LYS C 102 12.87 -12.42 20.22
C LYS C 102 13.21 -11.15 19.44
N TYR C 103 12.93 -11.17 18.14
CA TYR C 103 13.20 -10.02 17.31
C TYR C 103 12.02 -9.05 17.50
N ILE C 104 10.90 -9.55 18.00
CA ILE C 104 9.77 -8.67 18.17
C ILE C 104 9.77 -7.99 19.53
N SER C 105 10.50 -8.54 20.48
CA SER C 105 10.53 -7.91 21.79
C SER C 105 11.63 -6.86 21.84
N LEU C 106 12.58 -6.97 20.94
CA LEU C 106 13.65 -6.00 20.91
C LEU C 106 13.19 -4.80 20.13
N ILE C 107 12.17 -4.98 19.30
CA ILE C 107 11.67 -3.89 18.50
C ILE C 107 10.51 -3.17 19.20
N TYR C 108 10.01 -3.75 20.28
CA TYR C 108 8.90 -3.11 20.97
C TYR C 108 9.14 -2.81 22.44
N THR C 109 10.30 -3.22 22.97
CA THR C 109 10.55 -2.95 24.39
C THR C 109 12.01 -2.78 24.79
N ASN C 110 12.95 -3.00 23.88
CA ASN C 110 14.37 -2.88 24.23
C ASN C 110 15.27 -2.51 23.07
N TYR C 111 14.70 -1.97 21.99
CA TYR C 111 15.47 -1.62 20.79
C TYR C 111 16.78 -0.85 20.88
N GLU C 112 17.05 -0.15 21.98
CA GLU C 112 18.29 0.63 22.06
C GLU C 112 19.16 0.42 23.28
N ALA C 113 18.75 -0.49 24.15
CA ALA C 113 19.53 -0.77 25.34
C ALA C 113 20.28 -2.08 25.15
N GLY C 114 20.01 -2.77 24.05
CA GLY C 114 20.70 -4.01 23.79
C GLY C 114 20.62 -4.53 22.36
N LYS C 115 20.28 -3.66 21.43
CA LYS C 115 20.18 -4.05 20.02
C LYS C 115 21.57 -4.49 19.53
N ASP C 116 22.58 -4.25 20.35
CA ASP C 116 23.95 -4.60 20.00
C ASP C 116 24.38 -5.95 20.51
N ASP C 117 23.66 -6.48 21.49
CA ASP C 117 24.01 -7.80 22.02
C ASP C 117 23.16 -8.83 21.30
N TYR C 118 22.08 -8.35 20.66
CA TYR C 118 21.17 -9.20 19.91
C TYR C 118 21.80 -9.51 18.55
N VAL C 119 22.77 -8.70 18.14
CA VAL C 119 23.43 -8.98 16.89
C VAL C 119 24.62 -9.87 17.20
N LYS C 120 25.25 -9.66 18.36
CA LYS C 120 26.39 -10.47 18.75
C LYS C 120 25.90 -11.89 18.90
N ALA C 121 24.59 -12.04 18.98
CA ALA C 121 23.98 -13.35 19.12
C ALA C 121 23.42 -13.84 17.80
N LEU C 122 23.31 -12.95 16.82
CA LEU C 122 22.75 -13.31 15.51
C LEU C 122 23.37 -14.50 14.81
N PRO C 123 24.72 -14.62 14.85
CA PRO C 123 25.37 -15.75 14.21
C PRO C 123 24.95 -17.05 14.86
N GLY C 124 25.03 -17.06 16.19
CA GLY C 124 24.64 -18.23 16.95
C GLY C 124 23.18 -18.59 16.71
N GLN C 125 22.36 -17.60 16.37
CA GLN C 125 20.94 -17.84 16.10
C GLN C 125 20.68 -18.21 14.65
N LEU C 126 21.61 -17.88 13.75
CA LEU C 126 21.37 -18.17 12.36
C LEU C 126 22.10 -19.41 11.88
N LYS C 127 23.14 -19.79 12.62
CA LYS C 127 23.93 -20.95 12.27
C LYS C 127 23.08 -22.20 12.04
N PRO C 128 21.99 -22.36 12.81
CA PRO C 128 21.16 -23.56 12.62
C PRO C 128 20.47 -23.69 11.27
N PHE C 129 20.26 -22.57 10.58
CA PHE C 129 19.58 -22.65 9.31
C PHE C 129 20.53 -22.82 8.14
N GLU C 130 21.81 -22.70 8.44
CA GLU C 130 22.82 -22.92 7.41
C GLU C 130 23.23 -24.36 7.64
N THR C 131 23.07 -24.83 8.88
CA THR C 131 23.46 -26.19 9.19
C THR C 131 22.57 -27.18 8.45
N LEU C 132 21.30 -26.86 8.31
CA LEU C 132 20.37 -27.78 7.64
C LEU C 132 20.49 -27.68 6.12
N LEU C 133 20.82 -26.50 5.61
CA LEU C 133 20.94 -26.35 4.16
C LEU C 133 22.17 -27.10 3.68
N SER C 134 23.09 -27.41 4.59
CA SER C 134 24.27 -28.14 4.19
C SER C 134 23.99 -29.63 4.26
N GLN C 135 22.85 -29.99 4.86
CA GLN C 135 22.48 -31.39 5.00
C GLN C 135 21.34 -31.74 4.05
N ASN C 136 20.84 -30.73 3.34
CA ASN C 136 19.79 -30.94 2.35
C ASN C 136 20.43 -30.49 1.04
N GLN C 137 20.16 -31.21 -0.03
CA GLN C 137 20.71 -30.93 -1.36
C GLN C 137 22.05 -30.19 -1.48
N GLY C 138 22.68 -29.89 -0.34
CA GLY C 138 23.93 -29.15 -0.36
C GLY C 138 23.68 -27.66 -0.31
N GLY C 139 22.47 -27.28 0.07
CA GLY C 139 22.14 -25.87 0.15
C GLY C 139 21.62 -25.41 -1.18
N LYS C 140 21.47 -26.36 -2.10
CA LYS C 140 21.01 -26.05 -3.45
C LYS C 140 19.50 -26.02 -3.73
N THR C 141 18.69 -26.20 -2.70
CA THR C 141 17.23 -26.18 -2.85
C THR C 141 16.58 -25.36 -1.74
N PHE C 142 15.41 -25.80 -1.32
CA PHE C 142 14.68 -25.12 -0.27
C PHE C 142 15.09 -25.61 1.12
N ILE C 143 14.43 -25.11 2.16
CA ILE C 143 14.81 -25.52 3.51
C ILE C 143 14.60 -27.00 3.76
N VAL C 144 13.76 -27.64 2.97
CA VAL C 144 13.47 -29.06 3.14
C VAL C 144 13.01 -29.68 1.82
N GLY C 145 13.44 -30.92 1.58
CA GLY C 145 13.06 -31.63 0.36
C GLY C 145 13.45 -30.90 -0.91
N ASP C 146 12.89 -31.35 -2.03
CA ASP C 146 13.20 -30.74 -3.31
C ASP C 146 12.12 -29.74 -3.72
N GLN C 147 11.03 -29.67 -2.95
CA GLN C 147 9.93 -28.74 -3.26
C GLN C 147 9.87 -27.60 -2.26
N ILE C 148 9.15 -26.54 -2.60
CA ILE C 148 9.07 -25.41 -1.71
C ILE C 148 7.98 -25.68 -0.68
N SER C 149 8.09 -25.01 0.46
CA SER C 149 7.16 -25.20 1.55
C SER C 149 6.83 -23.86 2.16
N PHE C 150 5.83 -23.84 3.05
CA PHE C 150 5.47 -22.60 3.70
C PHE C 150 6.57 -22.24 4.69
N ALA C 151 7.38 -23.22 5.04
CA ALA C 151 8.44 -22.93 5.96
C ALA C 151 9.48 -22.12 5.22
N ASP C 152 9.45 -22.16 3.88
CA ASP C 152 10.46 -21.43 3.11
C ASP C 152 10.16 -19.95 2.94
N TYR C 153 8.91 -19.53 3.15
CA TYR C 153 8.59 -18.13 3.01
C TYR C 153 8.62 -17.43 4.35
N ASN C 154 8.56 -18.21 5.44
CA ASN C 154 8.60 -17.65 6.77
C ASN C 154 10.05 -17.49 7.24
N LEU C 155 10.97 -18.29 6.70
CA LEU C 155 12.36 -18.14 7.11
C LEU C 155 13.05 -17.13 6.23
N LEU C 156 12.73 -17.15 4.95
CA LEU C 156 13.34 -16.21 4.01
C LEU C 156 12.88 -14.82 4.35
N ASP C 157 11.80 -14.71 5.11
CA ASP C 157 11.29 -13.40 5.46
C ASP C 157 11.99 -12.89 6.71
N LEU C 158 12.20 -13.78 7.68
CA LEU C 158 12.88 -13.39 8.91
C LEU C 158 14.36 -13.23 8.55
N LEU C 159 14.71 -13.69 7.36
CA LEU C 159 16.08 -13.56 6.89
C LEU C 159 16.21 -12.24 6.14
N LEU C 160 15.08 -11.64 5.78
CA LEU C 160 15.19 -10.41 5.05
C LEU C 160 15.16 -9.21 5.95
N ILE C 161 14.48 -9.33 7.09
CA ILE C 161 14.38 -8.24 8.05
C ILE C 161 15.53 -8.27 9.04
N HIS C 162 16.34 -9.32 8.99
CA HIS C 162 17.49 -9.42 9.88
C HIS C 162 18.70 -8.91 9.13
N GLU C 163 18.49 -8.49 7.89
CA GLU C 163 19.55 -7.93 7.08
C GLU C 163 19.27 -6.45 6.89
N VAL C 164 18.09 -6.00 7.34
CA VAL C 164 17.71 -4.59 7.23
C VAL C 164 18.17 -3.88 8.50
N LEU C 165 18.45 -4.66 9.53
CA LEU C 165 18.86 -4.09 10.81
C LEU C 165 20.29 -4.51 11.14
N ALA C 166 20.80 -5.47 10.38
CA ALA C 166 22.16 -5.94 10.56
C ALA C 166 22.70 -6.30 9.19
N PRO C 167 22.72 -5.32 8.28
CA PRO C 167 23.21 -5.55 6.92
C PRO C 167 24.50 -6.36 6.89
N GLY C 168 24.54 -7.34 5.98
CA GLY C 168 25.72 -8.16 5.83
C GLY C 168 25.91 -9.29 6.82
N CYS C 169 24.89 -9.56 7.65
CA CYS C 169 25.01 -10.63 8.63
C CYS C 169 24.99 -11.98 7.96
N LEU C 170 24.48 -12.04 6.75
CA LEU C 170 24.38 -13.30 6.04
C LEU C 170 25.67 -13.57 5.27
N ASP C 171 26.62 -12.65 5.43
CA ASP C 171 27.93 -12.71 4.79
C ASP C 171 28.80 -13.85 5.34
N ALA C 172 28.37 -14.46 6.44
CA ALA C 172 29.13 -15.55 7.03
C ALA C 172 28.51 -16.90 6.69
N PHE C 173 27.30 -16.88 6.17
CA PHE C 173 26.58 -18.10 5.79
C PHE C 173 26.31 -18.03 4.29
N PRO C 174 27.18 -18.68 3.51
CA PRO C 174 27.06 -18.71 2.05
C PRO C 174 25.77 -19.34 1.53
N LEU C 175 25.40 -20.47 2.12
CA LEU C 175 24.20 -21.16 1.66
C LEU C 175 22.94 -20.35 1.95
N LEU C 176 23.06 -19.30 2.74
CA LEU C 176 21.88 -18.51 3.07
C LEU C 176 21.76 -17.29 2.17
N SER C 177 22.87 -16.89 1.56
CA SER C 177 22.77 -15.73 0.70
C SER C 177 22.28 -16.16 -0.67
N ALA C 178 22.75 -17.32 -1.11
CA ALA C 178 22.37 -17.85 -2.42
C ALA C 178 21.04 -18.58 -2.34
N TYR C 179 20.53 -18.77 -1.13
CA TYR C 179 19.23 -19.43 -0.99
C TYR C 179 18.22 -18.31 -0.86
N VAL C 180 18.68 -17.19 -0.34
CA VAL C 180 17.80 -16.04 -0.16
C VAL C 180 17.82 -15.24 -1.44
N GLY C 181 18.80 -15.53 -2.31
CA GLY C 181 18.91 -14.82 -3.57
C GLY C 181 18.10 -15.46 -4.67
N ARG C 182 18.10 -16.79 -4.73
CA ARG C 182 17.33 -17.49 -5.76
C ARG C 182 15.85 -17.65 -5.41
N LEU C 183 15.47 -17.27 -4.19
CA LEU C 183 14.07 -17.39 -3.78
C LEU C 183 13.39 -16.05 -4.02
N SER C 184 14.19 -15.00 -4.06
CA SER C 184 13.68 -13.65 -4.28
C SER C 184 13.75 -13.39 -5.78
N ALA C 185 14.43 -14.30 -6.48
CA ALA C 185 14.59 -14.22 -7.91
C ALA C 185 13.36 -14.84 -8.55
N ARG C 186 12.51 -15.42 -7.70
CA ARG C 186 11.26 -16.02 -8.16
C ARG C 186 10.47 -14.81 -8.61
N PRO C 187 10.11 -14.75 -9.91
CA PRO C 187 9.34 -13.64 -10.50
C PRO C 187 7.97 -13.34 -9.89
N LYS C 188 7.26 -14.39 -9.47
CA LYS C 188 5.94 -14.21 -8.89
C LYS C 188 6.08 -13.61 -7.49
N LEU C 189 7.28 -13.69 -6.93
CA LEU C 189 7.54 -13.15 -5.61
C LEU C 189 8.55 -12.02 -5.70
N LYS C 190 9.30 -12.00 -6.80
CA LYS C 190 10.30 -10.95 -7.01
C LYS C 190 9.63 -9.69 -7.50
N ALA C 191 8.42 -9.82 -8.02
CA ALA C 191 7.73 -8.65 -8.49
C ALA C 191 6.84 -8.15 -7.34
N PHE C 192 6.35 -9.08 -6.52
CA PHE C 192 5.52 -8.71 -5.39
C PHE C 192 6.41 -8.07 -4.33
N LEU C 193 7.70 -8.39 -4.38
CA LEU C 193 8.67 -7.87 -3.44
C LEU C 193 9.10 -6.46 -3.87
N ALA C 194 8.96 -6.17 -5.16
CA ALA C 194 9.34 -4.88 -5.71
C ALA C 194 8.12 -3.98 -5.81
N SER C 195 6.95 -4.55 -5.56
CA SER C 195 5.69 -3.80 -5.64
C SER C 195 5.50 -2.84 -4.48
N PRO C 196 4.68 -1.81 -4.68
CA PRO C 196 4.37 -0.79 -3.68
C PRO C 196 3.48 -1.26 -2.53
N GLU C 197 2.65 -2.27 -2.77
CA GLU C 197 1.77 -2.76 -1.70
C GLU C 197 2.57 -3.53 -0.67
N TYR C 198 3.83 -3.84 -1.00
CA TYR C 198 4.65 -4.55 -0.05
C TYR C 198 5.74 -3.62 0.42
N VAL C 199 6.36 -2.95 -0.54
CA VAL C 199 7.47 -2.05 -0.28
C VAL C 199 7.09 -0.72 0.36
N ASN C 200 5.79 -0.40 0.36
CA ASN C 200 5.35 0.85 0.94
C ASN C 200 4.67 0.65 2.29
N LEU C 201 4.64 -0.59 2.75
CA LEU C 201 4.07 -0.92 4.05
C LEU C 201 5.29 -0.98 4.99
N PRO C 202 5.12 -0.56 6.25
CA PRO C 202 6.20 -0.58 7.23
C PRO C 202 6.49 -2.02 7.68
N ILE C 203 7.75 -2.31 8.00
CA ILE C 203 8.07 -3.66 8.44
C ILE C 203 7.41 -3.89 9.80
N ASN C 204 7.50 -2.89 10.68
CA ASN C 204 6.93 -3.00 12.00
C ASN C 204 5.85 -1.91 12.18
N GLY C 205 5.32 -1.79 13.39
CA GLY C 205 4.31 -0.79 13.64
C GLY C 205 4.85 0.44 14.35
N ASN C 206 6.11 0.38 14.75
CA ASN C 206 6.75 1.51 15.46
C ASN C 206 7.78 2.23 14.58
N GLY C 207 7.90 1.80 13.33
CA GLY C 207 8.83 2.43 12.42
C GLY C 207 10.25 2.00 12.66
N LYS C 208 10.47 1.17 13.69
CA LYS C 208 11.82 0.70 14.00
C LYS C 208 12.12 -0.57 13.19
N GLN C 209 13.39 -0.94 13.13
CA GLN C 209 13.78 -2.12 12.37
C GLN C 209 15.30 -2.30 12.24
N PRO D 2 9.41 -47.34 19.56
CA PRO D 2 10.25 -46.68 18.51
C PRO D 2 10.64 -45.26 18.92
N TYR D 3 10.05 -44.77 20.01
CA TYR D 3 10.34 -43.43 20.51
C TYR D 3 11.27 -43.41 21.70
N THR D 4 11.77 -42.20 21.97
CA THR D 4 12.67 -41.91 23.06
C THR D 4 12.41 -40.43 23.33
N VAL D 5 12.71 -39.95 24.53
CA VAL D 5 12.56 -38.53 24.80
C VAL D 5 13.82 -38.16 25.54
N VAL D 6 14.52 -37.14 25.03
CA VAL D 6 15.74 -36.70 25.67
C VAL D 6 15.38 -35.35 26.23
N TYR D 7 15.34 -35.29 27.56
CA TYR D 7 14.92 -34.08 28.25
C TYR D 7 15.58 -34.02 29.62
N PHE D 8 15.32 -32.91 30.31
CA PHE D 8 15.83 -32.71 31.65
C PHE D 8 14.82 -33.33 32.63
N PRO D 9 15.23 -33.52 33.89
CA PRO D 9 14.32 -34.12 34.86
C PRO D 9 13.23 -33.16 35.33
N VAL D 10 12.24 -32.95 34.47
CA VAL D 10 11.10 -32.05 34.71
C VAL D 10 9.96 -32.34 33.74
N ARG D 11 8.86 -31.62 33.89
CA ARG D 11 7.74 -31.82 33.01
C ARG D 11 7.72 -30.80 31.87
N GLY D 12 8.34 -29.65 32.09
CA GLY D 12 8.41 -28.59 31.09
C GLY D 12 7.68 -28.77 29.77
N ARG D 13 8.41 -28.54 28.68
CA ARG D 13 7.88 -28.63 27.33
C ARG D 13 7.74 -30.05 26.79
N CYS D 14 7.85 -31.02 27.69
CA CYS D 14 7.70 -32.42 27.32
C CYS D 14 6.51 -33.04 28.03
N ALA D 15 5.86 -32.28 28.91
CA ALA D 15 4.72 -32.82 29.67
C ALA D 15 3.46 -33.13 28.87
N ALA D 16 3.21 -32.40 27.78
CA ALA D 16 2.02 -32.68 27.01
C ALA D 16 2.26 -33.76 25.96
N LEU D 17 3.54 -34.06 25.68
CA LEU D 17 3.81 -35.13 24.74
C LEU D 17 3.96 -36.41 25.55
N ARG D 18 4.23 -36.29 26.85
CA ARG D 18 4.35 -37.47 27.70
C ARG D 18 2.99 -38.04 28.09
N MET D 19 1.97 -37.20 28.21
CA MET D 19 0.67 -37.75 28.58
C MET D 19 -0.13 -37.95 27.31
N LEU D 20 0.45 -37.53 26.20
CA LEU D 20 -0.22 -37.72 24.93
C LEU D 20 0.08 -39.15 24.54
N LEU D 21 1.24 -39.64 24.99
CA LEU D 21 1.71 -40.99 24.66
C LEU D 21 1.26 -42.07 25.63
N ALA D 22 0.79 -41.67 26.81
CA ALA D 22 0.34 -42.67 27.77
C ALA D 22 -1.13 -42.96 27.55
N ASP D 23 -1.84 -42.04 26.89
CA ASP D 23 -3.25 -42.25 26.65
C ASP D 23 -3.45 -43.02 25.38
N GLN D 24 -2.39 -43.17 24.60
CA GLN D 24 -2.48 -43.93 23.38
C GLN D 24 -2.06 -45.34 23.77
N GLY D 25 -1.65 -45.46 25.04
CA GLY D 25 -1.23 -46.74 25.57
C GLY D 25 0.18 -47.14 25.17
N GLN D 26 0.82 -46.30 24.37
CA GLN D 26 2.18 -46.59 23.92
C GLN D 26 3.18 -46.24 25.00
N SER D 27 4.41 -46.70 24.80
CA SER D 27 5.51 -46.44 25.71
C SER D 27 6.65 -45.86 24.88
N TRP D 28 7.70 -45.41 25.57
CA TRP D 28 8.84 -44.82 24.92
C TRP D 28 9.98 -44.94 25.91
N LYS D 29 11.16 -44.47 25.54
CA LYS D 29 12.26 -44.52 26.48
C LYS D 29 12.63 -43.07 26.77
N GLU D 30 13.10 -42.80 27.98
CA GLU D 30 13.49 -41.44 28.27
C GLU D 30 15.00 -41.46 28.43
N GLU D 31 15.63 -40.34 28.12
CA GLU D 31 17.06 -40.23 28.27
C GLU D 31 17.14 -38.95 29.07
N VAL D 32 17.19 -39.10 30.38
CA VAL D 32 17.21 -37.93 31.24
C VAL D 32 18.55 -37.26 31.12
N VAL D 33 18.56 -35.95 31.32
CA VAL D 33 19.82 -35.23 31.25
C VAL D 33 19.91 -34.48 32.55
N THR D 34 21.13 -34.24 33.01
CA THR D 34 21.29 -33.48 34.23
C THR D 34 21.82 -32.17 33.70
N VAL D 35 21.68 -31.10 34.48
CA VAL D 35 22.14 -29.80 34.03
C VAL D 35 23.66 -29.78 33.86
N GLU D 36 24.37 -30.78 34.41
CA GLU D 36 25.82 -30.76 34.29
C GLU D 36 26.34 -31.62 33.16
N THR D 37 25.57 -32.61 32.73
CA THR D 37 26.05 -33.45 31.64
C THR D 37 25.78 -32.61 30.42
N TRP D 38 24.84 -31.69 30.58
CA TRP D 38 24.44 -30.78 29.53
C TRP D 38 25.33 -29.55 29.75
N GLN D 39 25.84 -29.42 30.97
CA GLN D 39 26.70 -28.29 31.35
C GLN D 39 28.13 -28.59 30.92
N GLU D 40 28.34 -29.81 30.42
CA GLU D 40 29.64 -30.23 29.94
C GLU D 40 29.72 -29.78 28.48
N GLY D 41 28.60 -29.29 27.97
CA GLY D 41 28.51 -28.76 26.62
C GLY D 41 28.45 -29.65 25.39
N SER D 42 28.84 -30.92 25.51
CA SER D 42 28.86 -31.80 24.36
C SER D 42 27.54 -32.19 23.71
N LEU D 43 26.43 -32.02 24.41
CA LEU D 43 25.17 -32.39 23.78
C LEU D 43 24.32 -31.17 23.42
N LYS D 44 24.55 -30.04 24.11
CA LYS D 44 23.77 -28.85 23.84
C LYS D 44 24.15 -28.25 22.50
N ALA D 45 25.26 -28.70 21.94
CA ALA D 45 25.72 -28.17 20.66
C ALA D 45 25.50 -29.21 19.57
N SER D 46 25.18 -30.43 19.96
CA SER D 46 24.94 -31.47 18.99
C SER D 46 23.48 -31.38 18.59
N CYS D 47 22.74 -30.50 19.26
CA CYS D 47 21.32 -30.31 18.95
C CYS D 47 21.15 -29.30 17.82
N LEU D 48 19.90 -29.06 17.41
CA LEU D 48 19.63 -28.15 16.31
C LEU D 48 19.38 -26.71 16.69
N TYR D 49 19.24 -26.44 17.98
CA TYR D 49 19.00 -25.08 18.45
C TYR D 49 19.68 -24.91 19.80
N GLY D 50 20.51 -25.88 20.17
CA GLY D 50 21.22 -25.82 21.43
C GLY D 50 20.30 -26.00 22.63
N GLN D 51 19.16 -26.64 22.41
CA GLN D 51 18.20 -26.85 23.48
C GLN D 51 17.43 -28.16 23.37
N LEU D 52 16.79 -28.52 24.47
CA LEU D 52 15.96 -29.72 24.55
C LEU D 52 14.49 -29.26 24.71
N PRO D 53 13.54 -30.19 24.65
CA PRO D 53 13.74 -31.64 24.45
C PRO D 53 14.35 -32.06 23.10
N LYS D 54 14.81 -33.30 23.06
CA LYS D 54 15.34 -33.89 21.84
C LYS D 54 14.36 -35.04 21.68
N PHE D 55 14.28 -35.65 20.50
CA PHE D 55 13.30 -36.73 20.34
C PHE D 55 13.62 -37.61 19.16
N GLN D 56 13.10 -38.83 19.18
CA GLN D 56 13.36 -39.74 18.09
C GLN D 56 12.26 -40.78 17.92
N ASP D 57 12.05 -41.18 16.68
CA ASP D 57 11.09 -42.20 16.30
C ASP D 57 11.88 -42.87 15.19
N GLY D 58 11.85 -44.20 15.13
CA GLY D 58 12.63 -44.88 14.11
C GLY D 58 13.98 -44.18 14.00
N ASP D 59 14.46 -44.02 12.77
CA ASP D 59 15.73 -43.34 12.57
C ASP D 59 15.56 -41.83 12.48
N LEU D 60 14.31 -41.36 12.61
CA LEU D 60 14.04 -39.93 12.53
C LEU D 60 14.33 -39.20 13.83
N THR D 61 14.86 -37.98 13.72
CA THR D 61 15.18 -37.17 14.88
C THR D 61 14.36 -35.90 14.76
N LEU D 62 14.02 -35.31 15.90
CA LEU D 62 13.24 -34.09 15.90
C LEU D 62 13.61 -33.16 17.05
N TYR D 63 13.29 -31.89 16.87
CA TYR D 63 13.55 -30.88 17.88
C TYR D 63 12.29 -30.03 17.95
N GLN D 64 12.25 -29.16 18.94
CA GLN D 64 11.08 -28.29 19.21
C GLN D 64 9.96 -29.14 19.80
N SER D 65 9.25 -28.62 20.80
CA SER D 65 8.20 -29.41 21.41
C SER D 65 6.90 -29.47 20.64
N ASN D 66 6.69 -28.54 19.72
CA ASN D 66 5.44 -28.57 18.98
C ASN D 66 5.61 -29.35 17.68
N THR D 67 6.85 -29.68 17.32
CA THR D 67 7.05 -30.45 16.11
C THR D 67 6.76 -31.91 16.47
N ILE D 68 7.03 -32.25 17.72
CA ILE D 68 6.81 -33.62 18.15
C ILE D 68 5.34 -33.89 18.51
N LEU D 69 4.55 -32.84 18.73
CA LEU D 69 3.12 -33.04 19.05
C LEU D 69 2.32 -33.03 17.77
N ARG D 70 2.81 -32.28 16.80
CA ARG D 70 2.14 -32.16 15.52
C ARG D 70 2.54 -33.36 14.69
N HIS D 71 3.58 -34.07 15.15
CA HIS D 71 4.09 -35.21 14.43
C HIS D 71 3.46 -36.50 14.96
N LEU D 72 3.19 -36.53 16.25
CA LEU D 72 2.57 -37.72 16.81
C LEU D 72 1.07 -37.54 16.60
N GLY D 73 0.70 -36.30 16.31
CA GLY D 73 -0.69 -36.01 16.06
C GLY D 73 -0.98 -36.39 14.63
N ARG D 74 -0.02 -36.13 13.74
CA ARG D 74 -0.21 -36.43 12.33
C ARG D 74 0.04 -37.90 12.00
N THR D 75 0.75 -38.60 12.88
CA THR D 75 1.02 -40.00 12.60
C THR D 75 0.22 -40.96 13.46
N LEU D 76 -0.49 -40.44 14.45
CA LEU D 76 -1.29 -41.29 15.33
C LEU D 76 -2.78 -41.01 15.25
N GLY D 77 -3.15 -40.09 14.35
CA GLY D 77 -4.55 -39.73 14.18
C GLY D 77 -5.14 -38.80 15.21
N LEU D 78 -4.34 -37.84 15.68
CA LEU D 78 -4.77 -36.89 16.71
C LEU D 78 -4.76 -35.46 16.17
N TYR D 79 -4.92 -35.34 14.86
CA TYR D 79 -4.87 -34.04 14.21
C TYR D 79 -6.19 -33.47 13.70
N GLY D 80 -7.29 -34.19 13.91
CA GLY D 80 -8.57 -33.71 13.45
C GLY D 80 -9.07 -34.61 12.33
N LYS D 81 -10.21 -34.27 11.74
CA LYS D 81 -10.76 -35.10 10.68
C LYS D 81 -10.68 -34.54 9.25
N ASP D 82 -10.17 -33.33 9.10
CA ASP D 82 -10.05 -32.72 7.78
C ASP D 82 -9.23 -31.44 7.87
N GLN D 83 -8.96 -30.85 6.70
CA GLN D 83 -8.13 -29.64 6.63
C GLN D 83 -8.58 -28.53 7.53
N GLN D 84 -9.89 -28.29 7.52
CA GLN D 84 -10.47 -27.22 8.31
C GLN D 84 -10.61 -27.59 9.77
N GLU D 85 -10.39 -28.86 10.10
CA GLU D 85 -10.50 -29.30 11.48
C GLU D 85 -9.09 -29.51 12.01
N ALA D 86 -8.14 -29.51 11.09
CA ALA D 86 -6.75 -29.66 11.48
C ALA D 86 -6.23 -28.24 11.49
N ALA D 87 -6.94 -27.36 10.79
CA ALA D 87 -6.52 -25.99 10.74
C ALA D 87 -6.83 -25.27 12.04
N LEU D 88 -7.88 -25.69 12.74
CA LEU D 88 -8.23 -25.04 14.00
C LEU D 88 -7.59 -25.71 15.22
N VAL D 89 -7.17 -26.96 15.03
CA VAL D 89 -6.51 -27.70 16.10
C VAL D 89 -5.17 -27.01 16.15
N ASP D 90 -4.84 -26.37 15.04
CA ASP D 90 -3.60 -25.65 14.88
C ASP D 90 -3.79 -24.29 15.51
N MET D 91 -4.93 -23.68 15.24
CA MET D 91 -5.22 -22.35 15.75
C MET D 91 -5.19 -22.35 17.27
N VAL D 92 -5.56 -23.48 17.88
CA VAL D 92 -5.59 -23.57 19.33
C VAL D 92 -4.24 -23.87 19.94
N ASN D 93 -3.39 -24.56 19.19
CA ASN D 93 -2.07 -24.96 19.70
C ASN D 93 -1.08 -23.82 19.79
N ASP D 94 -1.14 -22.90 18.81
CA ASP D 94 -0.22 -21.77 18.86
C ASP D 94 -0.88 -20.82 19.84
N GLY D 95 -2.13 -21.12 20.19
CA GLY D 95 -2.85 -20.30 21.14
C GLY D 95 -2.48 -20.73 22.54
N VAL D 96 -2.38 -22.03 22.76
CA VAL D 96 -2.01 -22.49 24.08
C VAL D 96 -0.49 -22.28 24.23
N GLU D 97 0.23 -22.20 23.10
CA GLU D 97 1.67 -22.00 23.19
C GLU D 97 1.99 -20.53 23.43
N ASP D 98 1.10 -19.63 23.00
CA ASP D 98 1.35 -18.20 23.20
C ASP D 98 1.29 -17.86 24.68
N LEU D 99 0.58 -18.69 25.45
CA LEU D 99 0.44 -18.46 26.89
C LEU D 99 1.44 -19.29 27.68
N ARG D 100 1.98 -20.33 27.05
CA ARG D 100 2.97 -21.14 27.75
C ARG D 100 4.24 -20.32 27.78
N CYS D 101 4.36 -19.35 26.86
CA CYS D 101 5.55 -18.51 26.81
C CYS D 101 5.44 -17.45 27.90
N LYS D 102 4.24 -16.92 28.10
CA LYS D 102 4.08 -15.89 29.12
C LYS D 102 4.17 -16.54 30.49
N TYR D 103 4.04 -17.86 30.52
CA TYR D 103 4.12 -18.61 31.77
C TYR D 103 5.57 -19.03 31.96
N ILE D 104 6.35 -18.98 30.89
CA ILE D 104 7.73 -19.35 30.99
C ILE D 104 8.50 -18.08 31.36
N SER D 105 8.01 -16.93 30.91
CA SER D 105 8.72 -15.70 31.20
C SER D 105 8.54 -15.23 32.61
N LEU D 106 7.52 -15.74 33.28
CA LEU D 106 7.32 -15.31 34.65
C LEU D 106 8.17 -16.23 35.53
N ILE D 107 8.17 -17.53 35.21
CA ILE D 107 8.88 -18.45 36.06
C ILE D 107 10.39 -18.39 35.90
N TYR D 108 10.86 -17.91 34.76
CA TYR D 108 12.31 -17.85 34.57
C TYR D 108 12.86 -16.43 34.55
N THR D 109 11.99 -15.43 34.63
CA THR D 109 12.50 -14.06 34.60
C THR D 109 11.73 -12.99 35.35
N ASN D 110 10.60 -13.35 35.95
CA ASN D 110 9.80 -12.34 36.65
C ASN D 110 8.77 -12.82 37.69
N TYR D 111 8.95 -14.05 38.16
CA TYR D 111 8.04 -14.65 39.15
C TYR D 111 7.89 -13.90 40.47
N GLU D 112 8.64 -12.81 40.65
CA GLU D 112 8.54 -12.05 41.89
C GLU D 112 7.92 -10.67 41.77
N ALA D 113 7.68 -10.22 40.53
CA ALA D 113 7.10 -8.89 40.31
C ALA D 113 6.00 -8.85 39.25
N GLY D 114 5.77 -9.99 38.60
CA GLY D 114 4.73 -10.05 37.58
C GLY D 114 3.70 -11.12 37.89
N LYS D 115 3.99 -11.92 38.92
CA LYS D 115 3.09 -12.99 39.31
C LYS D 115 1.77 -12.50 39.86
N ASP D 116 1.66 -11.21 40.16
CA ASP D 116 0.40 -10.69 40.69
C ASP D 116 -0.36 -9.89 39.66
N ASP D 117 0.18 -9.84 38.46
CA ASP D 117 -0.48 -9.15 37.36
C ASP D 117 -0.61 -10.20 36.28
N TYR D 118 -0.14 -11.40 36.62
CA TYR D 118 -0.21 -12.51 35.69
C TYR D 118 -1.50 -13.27 35.96
N VAL D 119 -2.01 -13.12 37.16
CA VAL D 119 -3.24 -13.80 37.53
C VAL D 119 -4.36 -12.78 37.41
N LYS D 120 -3.97 -11.52 37.21
CA LYS D 120 -4.94 -10.45 37.06
C LYS D 120 -5.18 -10.27 35.58
N ALA D 121 -4.23 -10.73 34.78
CA ALA D 121 -4.31 -10.64 33.33
C ALA D 121 -4.65 -12.00 32.74
N LEU D 122 -4.82 -12.98 33.63
CA LEU D 122 -5.11 -14.37 33.24
C LEU D 122 -6.49 -14.63 32.69
N PRO D 123 -7.53 -14.15 33.39
CA PRO D 123 -8.92 -14.36 32.95
C PRO D 123 -9.13 -14.14 31.45
N GLY D 124 -8.62 -13.01 30.96
CA GLY D 124 -8.77 -12.70 29.55
C GLY D 124 -8.09 -13.74 28.69
N GLN D 125 -7.06 -14.37 29.25
CA GLN D 125 -6.31 -15.39 28.52
C GLN D 125 -6.94 -16.79 28.58
N LEU D 126 -7.72 -17.08 29.63
CA LEU D 126 -8.35 -18.41 29.72
C LEU D 126 -9.71 -18.33 29.06
N LYS D 127 -10.18 -17.10 28.86
CA LYS D 127 -11.47 -16.86 28.24
C LYS D 127 -11.59 -17.46 26.83
N PRO D 128 -10.64 -17.17 25.93
CA PRO D 128 -10.71 -17.72 24.57
C PRO D 128 -11.02 -19.21 24.53
N PHE D 129 -10.36 -19.99 25.39
CA PHE D 129 -10.59 -21.44 25.42
C PHE D 129 -11.95 -21.78 26.02
N GLU D 130 -12.63 -20.82 26.63
CA GLU D 130 -13.94 -21.15 27.20
C GLU D 130 -14.98 -20.96 26.13
N THR D 131 -14.60 -20.25 25.06
CA THR D 131 -15.49 -19.98 23.96
C THR D 131 -15.30 -20.93 22.79
N LEU D 132 -14.14 -21.61 22.73
CA LEU D 132 -13.92 -22.55 21.66
C LEU D 132 -14.64 -23.83 22.06
N LEU D 133 -14.85 -23.99 23.36
CA LEU D 133 -15.56 -25.17 23.87
C LEU D 133 -17.07 -24.95 23.88
N SER D 134 -17.51 -23.68 23.90
CA SER D 134 -18.95 -23.45 23.93
C SER D 134 -19.53 -23.59 22.52
N GLN D 135 -18.67 -23.67 21.52
CA GLN D 135 -19.12 -23.80 20.14
C GLN D 135 -18.92 -25.20 19.58
N ASN D 136 -18.33 -26.08 20.37
CA ASN D 136 -18.07 -27.43 19.91
C ASN D 136 -18.99 -28.56 20.40
N GLN D 137 -20.28 -28.27 20.56
CA GLN D 137 -21.26 -29.25 21.02
C GLN D 137 -21.43 -29.17 22.53
N GLY D 138 -21.41 -27.94 23.02
CA GLY D 138 -21.62 -27.68 24.44
C GLY D 138 -20.43 -27.90 25.34
N GLY D 139 -19.24 -27.98 24.76
CA GLY D 139 -18.04 -28.18 25.54
C GLY D 139 -18.03 -29.54 26.20
N LYS D 140 -18.84 -30.44 25.67
CA LYS D 140 -18.98 -31.79 26.21
C LYS D 140 -17.97 -32.78 25.64
N THR D 141 -17.02 -32.26 24.87
CA THR D 141 -15.96 -33.05 24.24
C THR D 141 -14.60 -32.34 24.29
N PHE D 142 -13.77 -32.65 23.32
CA PHE D 142 -12.45 -32.05 23.21
C PHE D 142 -12.53 -30.61 22.67
N ILE D 143 -11.42 -29.90 22.66
CA ILE D 143 -11.40 -28.49 22.25
C ILE D 143 -11.68 -28.12 20.77
N VAL D 144 -11.83 -29.11 19.89
CA VAL D 144 -12.14 -28.90 18.47
C VAL D 144 -12.67 -30.24 17.95
N GLY D 145 -13.58 -30.23 16.98
CA GLY D 145 -14.11 -31.49 16.47
C GLY D 145 -14.57 -32.45 17.57
N ASP D 146 -14.89 -33.69 17.19
CA ASP D 146 -15.37 -34.68 18.17
C ASP D 146 -14.42 -35.76 18.65
N GLN D 147 -13.20 -35.81 18.09
CA GLN D 147 -12.22 -36.81 18.50
C GLN D 147 -11.10 -36.07 19.22
N ILE D 148 -10.20 -36.78 19.88
CA ILE D 148 -9.15 -36.08 20.60
C ILE D 148 -8.04 -35.57 19.66
N SER D 149 -7.30 -34.58 20.13
CA SER D 149 -6.23 -33.98 19.34
C SER D 149 -4.98 -33.67 20.16
N PHE D 150 -3.88 -33.32 19.48
CA PHE D 150 -2.65 -32.99 20.17
C PHE D 150 -2.77 -31.62 20.84
N ALA D 151 -3.83 -30.90 20.53
CA ALA D 151 -4.02 -29.61 21.17
C ALA D 151 -4.72 -29.88 22.50
N ASP D 152 -5.35 -31.04 22.64
CA ASP D 152 -6.06 -31.37 23.88
C ASP D 152 -5.12 -31.71 25.02
N TYR D 153 -3.95 -32.25 24.67
CA TYR D 153 -3.02 -32.63 25.70
C TYR D 153 -2.15 -31.46 26.13
N ASN D 154 -2.03 -30.46 25.26
CA ASN D 154 -1.20 -29.29 25.53
C ASN D 154 -2.04 -28.34 26.36
N LEU D 155 -3.30 -28.20 25.99
CA LEU D 155 -4.18 -27.31 26.74
C LEU D 155 -4.58 -27.96 28.06
N LEU D 156 -4.65 -29.28 28.10
CA LEU D 156 -5.01 -29.93 29.36
C LEU D 156 -3.88 -29.74 30.33
N ASP D 157 -2.71 -29.40 29.80
CA ASP D 157 -1.52 -29.23 30.61
C ASP D 157 -1.18 -27.75 30.81
N LEU D 158 -1.64 -26.89 29.90
CA LEU D 158 -1.40 -25.46 30.06
C LEU D 158 -2.39 -25.05 31.15
N LEU D 159 -3.34 -25.95 31.41
CA LEU D 159 -4.37 -25.71 32.40
C LEU D 159 -4.16 -26.53 33.65
N LEU D 160 -3.25 -27.50 33.58
CA LEU D 160 -3.00 -28.32 34.74
C LEU D 160 -1.92 -27.63 35.54
N ILE D 161 -1.25 -26.66 34.92
CA ILE D 161 -0.17 -25.96 35.61
C ILE D 161 -0.55 -24.55 36.03
N HIS D 162 -1.61 -24.00 35.46
CA HIS D 162 -1.99 -22.66 35.85
C HIS D 162 -2.82 -22.73 37.13
N GLU D 163 -3.39 -23.91 37.42
CA GLU D 163 -4.18 -24.02 38.64
C GLU D 163 -3.22 -24.11 39.81
N VAL D 164 -1.97 -24.47 39.52
CA VAL D 164 -0.93 -24.61 40.55
C VAL D 164 -0.23 -23.28 40.81
N LEU D 165 -0.31 -22.36 39.88
CA LEU D 165 0.34 -21.06 40.08
C LEU D 165 -0.74 -20.14 40.64
N ALA D 166 -1.96 -20.64 40.64
CA ALA D 166 -3.07 -19.88 41.16
C ALA D 166 -4.28 -20.77 41.31
N PRO D 167 -4.32 -21.53 42.40
CA PRO D 167 -5.47 -22.41 42.64
C PRO D 167 -6.74 -21.59 42.40
N GLY D 168 -7.72 -22.18 41.74
CA GLY D 168 -8.92 -21.43 41.47
C GLY D 168 -8.58 -20.31 40.51
N CYS D 169 -8.69 -20.63 39.23
CA CYS D 169 -8.44 -19.71 38.14
C CYS D 169 -9.36 -20.20 37.03
N LEU D 170 -9.90 -21.39 37.27
CA LEU D 170 -10.82 -22.04 36.33
C LEU D 170 -12.23 -22.05 36.91
N ASP D 171 -12.40 -21.34 38.02
CA ASP D 171 -13.69 -21.26 38.71
C ASP D 171 -14.73 -20.35 38.04
N ALA D 172 -14.34 -19.64 36.99
CA ALA D 172 -15.27 -18.75 36.30
C ALA D 172 -15.53 -19.29 34.90
N PHE D 173 -14.90 -20.42 34.60
CA PHE D 173 -14.99 -21.07 33.31
C PHE D 173 -15.47 -22.50 33.50
N PRO D 174 -16.79 -22.71 33.51
CA PRO D 174 -17.46 -24.00 33.69
C PRO D 174 -17.06 -25.14 32.75
N LEU D 175 -17.09 -24.90 31.45
CA LEU D 175 -16.76 -25.94 30.49
C LEU D 175 -15.25 -26.24 30.46
N LEU D 176 -14.45 -25.40 31.10
CA LEU D 176 -13.00 -25.60 31.15
C LEU D 176 -12.61 -26.35 32.41
N SER D 177 -13.52 -26.39 33.37
CA SER D 177 -13.25 -27.08 34.62
C SER D 177 -13.72 -28.52 34.49
N ALA D 178 -14.69 -28.74 33.61
CA ALA D 178 -15.24 -30.07 33.44
C ALA D 178 -14.63 -30.80 32.27
N TYR D 179 -13.99 -30.05 31.38
CA TYR D 179 -13.36 -30.67 30.23
C TYR D 179 -12.01 -31.20 30.71
N VAL D 180 -11.51 -30.63 31.80
CA VAL D 180 -10.22 -31.04 32.34
C VAL D 180 -10.39 -32.12 33.39
N GLY D 181 -11.61 -32.28 33.88
CA GLY D 181 -11.86 -33.31 34.87
C GLY D 181 -12.06 -34.62 34.14
N ARG D 182 -12.64 -34.51 32.96
CA ARG D 182 -12.97 -35.65 32.12
C ARG D 182 -11.80 -36.20 31.29
N LEU D 183 -10.78 -35.38 31.05
CA LEU D 183 -9.63 -35.83 30.27
C LEU D 183 -8.74 -36.49 31.30
N SER D 184 -8.86 -36.03 32.53
CA SER D 184 -8.04 -36.54 33.61
C SER D 184 -8.58 -37.88 34.08
N ALA D 185 -9.89 -38.04 33.96
CA ALA D 185 -10.58 -39.25 34.39
C ALA D 185 -10.38 -40.38 33.38
N ARG D 186 -9.66 -40.07 32.31
CA ARG D 186 -9.38 -41.07 31.27
C ARG D 186 -8.45 -42.11 31.85
N PRO D 187 -8.75 -43.40 31.61
CA PRO D 187 -8.02 -44.59 32.06
C PRO D 187 -6.51 -44.56 32.10
N LYS D 188 -5.87 -44.53 30.93
CA LYS D 188 -4.42 -44.53 30.92
C LYS D 188 -3.86 -43.15 31.21
N LEU D 189 -4.71 -42.13 31.15
CA LEU D 189 -4.22 -40.78 31.40
C LEU D 189 -4.24 -40.40 32.87
N LYS D 190 -5.13 -41.01 33.66
CA LYS D 190 -5.23 -40.67 35.06
C LYS D 190 -4.21 -41.42 35.90
N ALA D 191 -3.76 -42.56 35.39
CA ALA D 191 -2.77 -43.34 36.12
C ALA D 191 -1.37 -42.85 35.80
N PHE D 192 -1.24 -42.11 34.70
CA PHE D 192 0.07 -41.59 34.32
C PHE D 192 0.27 -40.30 35.09
N LEU D 193 -0.81 -39.59 35.37
CA LEU D 193 -0.67 -38.34 36.12
C LEU D 193 -0.41 -38.63 37.59
N ALA D 194 -0.61 -39.88 37.99
CA ALA D 194 -0.38 -40.24 39.38
C ALA D 194 0.91 -41.05 39.51
N SER D 195 1.55 -41.37 38.39
CA SER D 195 2.79 -42.13 38.42
C SER D 195 3.96 -41.27 38.89
N PRO D 196 4.97 -41.90 39.50
CA PRO D 196 6.17 -41.21 40.00
C PRO D 196 6.89 -40.41 38.91
N GLU D 197 6.76 -40.86 37.66
CA GLU D 197 7.43 -40.16 36.57
C GLU D 197 6.76 -38.84 36.22
N TYR D 198 5.63 -38.54 36.84
CA TYR D 198 5.00 -37.28 36.55
C TYR D 198 4.89 -36.47 37.82
N VAL D 199 4.66 -37.14 38.96
CA VAL D 199 4.51 -36.40 40.20
C VAL D 199 5.84 -36.15 40.90
N ASN D 200 6.81 -37.02 40.66
CA ASN D 200 8.09 -36.94 41.32
C ASN D 200 9.04 -35.99 40.61
N LEU D 201 8.49 -35.24 39.68
CA LEU D 201 9.23 -34.25 38.91
C LEU D 201 8.62 -32.87 39.17
N PRO D 202 9.45 -31.82 39.10
CA PRO D 202 8.89 -30.48 39.34
C PRO D 202 8.28 -30.09 38.00
N ILE D 203 7.54 -28.98 37.95
CA ILE D 203 6.95 -28.60 36.68
C ILE D 203 7.94 -27.76 35.85
N ASN D 204 8.89 -27.12 36.53
CA ASN D 204 9.90 -26.32 35.83
C ASN D 204 11.31 -26.67 36.32
N GLY D 205 12.32 -26.06 35.71
CA GLY D 205 13.68 -26.36 36.11
C GLY D 205 14.34 -25.43 37.10
N ASN D 206 13.58 -24.48 37.64
CA ASN D 206 14.13 -23.54 38.61
C ASN D 206 13.42 -23.63 39.95
N GLY D 207 12.58 -24.65 40.11
CA GLY D 207 11.87 -24.82 41.36
C GLY D 207 10.48 -24.21 41.35
N LYS D 208 10.39 -22.94 41.00
CA LYS D 208 9.12 -22.22 40.97
C LYS D 208 8.01 -23.09 40.41
N GLN D 209 6.78 -22.77 40.81
CA GLN D 209 5.60 -23.52 40.40
C GLN D 209 4.35 -22.64 40.31
N1 GTD E . -11.85 22.94 -19.16
CA1 GTD E . -13.20 23.38 -18.74
C1 GTD E . -13.28 23.37 -17.20
O11 GTD E . -12.45 22.65 -16.59
O12 GTD E . -14.15 24.06 -16.64
CB1 GTD E . -14.26 22.45 -19.33
CG1 GTD E . -15.70 22.64 -18.84
CD1 GTD E . -16.65 21.67 -19.55
OE1 GTD E . -16.21 20.80 -20.30
N2 GTD E . -17.96 21.81 -19.31
CA2 GTD E . -18.94 20.93 -19.94
C2 GTD E . -20.02 21.72 -20.69
O2 GTD E . -20.23 22.91 -20.45
CB2 GTD E . -19.58 20.01 -18.85
SG2 GTD E . -18.66 18.45 -18.53
N3 GTD E . -20.74 21.03 -21.57
CA3 GTD E . -21.78 21.67 -22.35
C3 GTD E . -21.47 21.61 -23.84
O31 GTD E . -20.41 21.06 -24.20
O32 GTD E . -22.28 22.09 -24.65
C1' GTD E . -19.56 16.92 -18.89
C2' GTD E . -20.14 17.06 -20.30
N2' GTD E . -19.22 17.10 -21.42
O21 GTD E . -18.00 17.03 -21.23
O22 GTD E . -19.64 17.20 -22.59
C3' GTD E . -21.52 17.14 -20.54
C4' GTD E . -22.45 17.07 -19.49
N4' GTD E . -23.88 17.17 -19.75
O41 GTD E . -24.68 17.11 -18.81
O42 GTD E . -24.31 17.32 -20.91
C5' GTD E . -22.04 16.91 -18.16
C6' GTD E . -20.67 16.84 -17.84
N6' GTD E . -20.30 16.64 -16.44
O61 GTD E . -19.10 16.57 -16.14
O62 GTD E . -21.17 16.56 -15.56
O1 MES F . -26.01 25.94 -1.43
C2 MES F . -25.76 24.64 -2.04
C3 MES F . -24.47 23.98 -1.44
N4 MES F . -24.50 23.98 0.08
C5 MES F . -24.93 25.31 0.72
C6 MES F . -26.19 25.90 0.02
C7 MES F . -23.29 23.34 0.71
C8 MES F . -23.50 23.08 2.20
S MES F . -22.07 22.30 2.94
O1S MES F . -21.49 23.22 4.09
O2S MES F . -20.94 21.98 1.88
O3S MES F . -22.50 20.84 3.64
N1 GTD G . 0.04 17.28 -20.05
CA1 GTD G . 1.48 16.97 -20.21
C1 GTD G . 2.26 18.27 -20.36
O11 GTD G . 1.64 19.29 -20.73
O12 GTD G . 3.48 18.25 -20.11
CB1 GTD G . 1.66 16.06 -21.44
CG1 GTD G . 3.11 15.79 -21.88
CD1 GTD G . 3.15 14.87 -23.09
OE1 GTD G . 2.11 14.55 -23.66
N2 GTD G . 4.36 14.45 -23.49
CA2 GTD G . 4.48 13.56 -24.65
C2 GTD G . 5.28 12.30 -24.31
O2 GTD G . 6.01 12.24 -23.33
CB2 GTD G . 5.17 14.33 -25.84
SG2 GTD G . 3.99 15.26 -26.91
N3 GTD G . 5.16 11.28 -25.16
CA3 GTD G . 5.85 10.03 -24.94
C3 GTD G . 4.87 8.88 -24.77
O31 GTD G . 3.65 9.13 -24.82
O32 GTD G . 5.31 7.72 -24.59
C1' GTD G . 3.96 14.73 -28.65
C2' GTD G . 3.79 13.21 -28.64
N2' GTD G . 2.53 12.65 -28.16
O21 GTD G . 1.64 13.40 -27.76
O22 GTD G . 2.34 11.43 -28.15
C3' GTD G . 4.79 12.34 -29.11
C4' GTD G . 6.00 12.84 -29.61
N4' GTD G . 7.04 11.93 -30.07
O41 GTD G . 8.10 12.39 -30.51
O42 GTD G . 6.87 10.70 -30.03
C5' GTD G . 6.25 14.21 -29.69
C6' GTD G . 5.31 15.15 -29.24
N6' GTD G . 5.61 16.57 -29.36
O61 GTD G . 4.78 17.41 -28.98
O62 GTD G . 6.69 16.93 -29.85
O1 MES H . 21.03 26.80 -25.56
C2 MES H . 19.60 26.75 -25.31
C3 MES H . 18.97 28.16 -25.43
N4 MES H . 19.36 28.88 -26.72
C5 MES H . 20.84 28.78 -27.09
C6 MES H . 21.39 27.33 -26.89
C7 MES H . 18.75 30.24 -26.89
C8 MES H . 19.17 31.20 -25.76
S MES H . 18.44 32.83 -25.96
O1S MES H . 17.53 33.18 -24.71
O2S MES H . 17.61 32.93 -27.31
O3S MES H . 19.64 33.99 -26.04
N1 GTD I . 0.53 -15.44 18.11
CA1 GTD I . -0.20 -14.51 17.21
C1 GTD I . 0.31 -14.70 15.79
O11 GTD I . 1.43 -15.23 15.63
O12 GTD I . -0.43 -14.33 14.84
CB1 GTD I . 0.04 -13.07 17.69
CG1 GTD I . -0.49 -11.95 16.77
CD1 GTD I . -0.22 -10.58 17.36
OE1 GTD I . 0.45 -10.47 18.39
N2 GTD I . -0.73 -9.53 16.72
CA2 GTD I . -0.53 -8.17 17.23
C2 GTD I . -1.86 -7.42 17.41
O2 GTD I . -2.88 -7.79 16.84
CB2 GTD I . 0.41 -7.38 16.25
SG2 GTD I . 2.21 -7.58 16.59
N3 GTD I . -1.81 -6.34 18.18
CA3 GTD I . -3.01 -5.55 18.44
C3 GTD I . -3.34 -5.54 19.93
O31 GTD I . -2.61 -6.19 20.71
O32 GTD I . -4.33 -4.89 20.32
C1' GTD I . 3.10 -6.06 17.02
C2' GTD I . 2.28 -5.37 18.13
N2' GTD I . 2.21 -6.01 19.43
O21 GTD I . 2.77 -7.10 19.62
O22 GTD I . 1.58 -5.48 20.35
C3' GTD I . 1.64 -4.13 17.92
C4' GTD I . 1.72 -3.47 16.69
N4' GTD I . 1.04 -2.20 16.49
O41 GTD I . 1.12 -1.63 15.39
O42 GTD I . 0.37 -1.69 17.39
C5' GTD I . 2.46 -3.99 15.62
C6' GTD I . 3.13 -5.23 15.74
N6' GTD I . 3.90 -5.71 14.61
O61 GTD I . 4.50 -6.80 14.70
O62 GTD I . 3.94 -5.04 13.55
O1 MES J . -5.58 -7.13 -3.16
C2 MES J . -4.61 -7.46 -2.12
C3 MES J . -3.53 -8.45 -2.67
N4 MES J . -2.94 -7.97 -3.99
C5 MES J . -3.98 -7.49 -5.01
C6 MES J . -5.01 -6.52 -4.37
C7 MES J . -1.89 -8.91 -4.53
C8 MES J . -1.37 -8.47 -5.91
S MES J . -0.17 -9.61 -6.54
O1S MES J . -0.65 -10.24 -7.92
O2S MES J . 0.13 -10.77 -5.50
O3S MES J . 1.26 -8.82 -6.86
N1 GTD K . 10.74 -23.65 21.39
CA1 GTD K . 11.38 -24.86 21.98
C1 GTD K . 10.53 -26.12 21.80
O11 GTD K . 9.48 -26.05 21.13
O12 GTD K . 10.92 -27.17 22.32
CB1 GTD K . 11.66 -24.65 23.47
CG1 GTD K . 12.84 -25.46 23.99
CD1 GTD K . 13.40 -24.94 25.30
OE1 GTD K . 12.95 -23.90 25.81
N2 GTD K . 14.39 -25.66 25.84
CA2 GTD K . 15.02 -25.29 27.10
C2 GTD K . 16.54 -25.50 27.10
O2 GTD K . 17.08 -26.19 26.25
CB2 GTD K . 14.42 -26.23 28.18
SG2 GTD K . 12.91 -25.58 28.94
N3 GTD K . 17.21 -24.95 28.12
CA3 GTD K . 18.65 -25.09 28.21
C3 GTD K . 19.37 -24.54 26.99
O31 GTD K . 18.81 -23.63 26.34
O32 GTD K . 20.49 -24.99 26.67
C1' GTD K . 13.19 -25.03 30.61
C2' GTD K . 14.20 -23.87 30.74
N2' GTD K . 14.08 -22.68 29.92
O21 GTD K . 13.16 -22.55 29.10
O22 GTD K . 14.92 -21.77 30.05
C3' GTD K . 15.28 -23.92 31.65
C4' GTD K . 15.47 -25.03 32.48
N4' GTD K . 16.58 -25.00 33.43
O41 GTD K . 16.78 -25.96 34.19
O42 GTD K . 17.34 -24.02 33.47
C5' GTD K . 14.61 -26.13 32.46
C6' GTD K . 13.52 -26.19 31.58
N6' GTD K . 12.66 -27.36 31.59
O61 GTD K . 11.68 -27.41 30.82
O62 GTD K . 12.88 -28.30 32.35
O1 MES L . 9.84 -45.20 31.34
C2 MES L . 9.35 -43.93 30.82
C3 MES L . 7.95 -44.10 30.16
N4 MES L . 6.99 -44.87 31.08
C5 MES L . 7.57 -46.12 31.71
C6 MES L . 8.97 -45.86 32.31
C7 MES L . 5.63 -45.03 30.49
C8 MES L . 4.58 -44.90 31.60
S MES L . 2.93 -45.08 30.96
O1S MES L . 2.20 -46.32 31.64
O2S MES L . 2.93 -45.23 29.37
O3S MES L . 2.02 -43.72 31.32
#